data_7S87
#
_entry.id   7S87
#
_cell.length_a   124.726
_cell.length_b   161.093
_cell.length_c   92.569
_cell.angle_alpha   90.000
_cell.angle_beta   90.000
_cell.angle_gamma   90.000
#
_symmetry.space_group_name_H-M   'C 2 2 2'
#
loop_
_entity.id
_entity.type
_entity.pdbx_description
1 polymer 'Dihydroorotate dehydrogenase (quinone), mitochondrial'
2 non-polymer (4R)-3-methyl-5-[(4R)-4-methyl-3,4-dihydroisoquinolin-2(1H)-yl]thieno[2,3-e][1,2,4]triazolo[4,3-c]pyrimidine
3 non-polymer 'FLAVIN MONONUCLEOTIDE'
4 non-polymer 'OROTIC ACID'
5 non-polymer 'ACETATE ION'
6 non-polymer 'polyethylene glycol'
7 non-polymer 'SULFATE ION'
8 water water
#
_entity_poly.entity_id   1
_entity_poly.type   'polypeptide(L)'
_entity_poly.pdbx_seq_one_letter_code
;MGHHHHHHAENLYFQGADPFESYNPEFFLYDIFLKFCLKYIDGEICHDLFLLLGKYNILPYDTSNDSIYACTNIKHLDFI
NPFGVAAGFDKNGVCIDSILKLGFSFIEIGTITPRGQTGNAKPRIFRDVESRSIINSCGFNNMGCDKVTENLILFRKRQE
EDKLLSKHIVGVSIGKNKDTVNIVDDLKYCINKIGRYADYIAINVSSPNTPGLRDNQEAGKLKNIILSVKEEIDNLEKNN
IMNDEFLWFNTTKKKPLVFVKLAPDLNQEQKKEIADVLLETNIDGMIISNTTTQINDIKSFENKKGGVSGAKLKDISTKF
ICEMYNYTNKQIPIIASGGIFSGLDALEKIEAGASVCQLYSCLVFNGMKSAVQIKRELNHLLYQRGYYNLKEAIGRKHSK
S
;
_entity_poly.pdbx_strand_id   A,B
#
# COMPACT_ATOMS: atom_id res chain seq x y z
N ALA A 17 -18.20 6.77 -16.68
CA ALA A 17 -17.22 6.96 -15.62
C ALA A 17 -15.80 6.87 -16.16
N ASP A 18 -15.34 7.96 -16.81
CA ASP A 18 -13.94 8.03 -17.18
C ASP A 18 -13.20 8.69 -16.01
N PRO A 19 -13.55 9.93 -15.60
CA PRO A 19 -12.87 10.48 -14.42
C PRO A 19 -13.26 9.74 -13.15
N PHE A 20 -14.50 9.25 -13.09
CA PHE A 20 -15.04 8.53 -11.95
C PHE A 20 -14.60 7.08 -11.90
N GLU A 21 -13.94 6.58 -12.95
CA GLU A 21 -13.45 5.20 -12.97
C GLU A 21 -12.69 4.84 -11.70
N SER A 22 -11.96 5.78 -11.11
CA SER A 22 -11.18 5.46 -9.92
C SER A 22 -12.05 5.21 -8.70
N TYR A 23 -13.33 5.58 -8.73
CA TYR A 23 -14.22 5.35 -7.60
C TYR A 23 -15.23 4.25 -7.85
N ASN A 24 -15.06 3.47 -8.91
CA ASN A 24 -15.93 2.35 -9.17
C ASN A 24 -15.35 1.12 -8.51
N PRO A 25 -16.05 0.48 -7.58
CA PRO A 25 -15.47 -0.67 -6.88
C PRO A 25 -15.04 -1.79 -7.83
N GLU A 26 -15.56 -1.81 -9.06
CA GLU A 26 -15.22 -2.83 -10.03
C GLU A 26 -14.11 -2.39 -10.99
N PHE A 27 -13.58 -1.18 -10.84
CA PHE A 27 -12.46 -0.74 -11.66
C PHE A 27 -11.31 -1.73 -11.55
N PHE A 28 -10.78 -2.14 -12.71
CA PHE A 28 -9.87 -3.29 -12.72
C PHE A 28 -8.61 -3.05 -11.91
N LEU A 29 -8.20 -1.79 -11.76
CA LEU A 29 -7.00 -1.50 -10.99
C LEU A 29 -7.10 -1.96 -9.54
N TYR A 30 -8.32 -2.00 -8.98
CA TYR A 30 -8.45 -2.37 -7.57
C TYR A 30 -8.07 -3.83 -7.31
N ASP A 31 -8.33 -4.72 -8.26
CA ASP A 31 -7.92 -6.10 -8.03
C ASP A 31 -6.46 -6.33 -8.39
N ILE A 32 -5.87 -5.49 -9.23
CA ILE A 32 -4.44 -5.57 -9.44
C ILE A 32 -3.71 -5.24 -8.14
N PHE A 33 -4.14 -4.17 -7.48
CA PHE A 33 -3.54 -3.86 -6.19
C PHE A 33 -3.94 -4.87 -5.13
N LEU A 34 -5.16 -5.40 -5.19
CA LEU A 34 -5.57 -6.45 -4.27
C LEU A 34 -4.68 -7.67 -4.42
N LYS A 35 -4.53 -8.18 -5.65
CA LYS A 35 -3.71 -9.37 -5.86
C LYS A 35 -2.27 -9.11 -5.42
N PHE A 36 -1.81 -7.86 -5.52
CA PHE A 36 -0.45 -7.54 -5.10
C PHE A 36 -0.31 -7.61 -3.58
N CYS A 37 -1.24 -7.00 -2.86
CA CYS A 37 -1.15 -7.01 -1.40
C CYS A 37 -1.35 -8.41 -0.84
N LEU A 38 -2.23 -9.20 -1.44
CA LEU A 38 -2.39 -10.59 -1.02
C LEU A 38 -1.08 -11.36 -1.15
N LYS A 39 -0.30 -11.06 -2.18
CA LYS A 39 0.90 -11.82 -2.49
C LYS A 39 2.16 -11.30 -1.79
N TYR A 40 2.23 -10.03 -1.38
CA TYR A 40 3.49 -9.47 -0.90
C TYR A 40 3.45 -8.82 0.47
N ILE A 41 2.29 -8.41 0.97
CA ILE A 41 2.22 -7.58 2.17
C ILE A 41 1.47 -8.32 3.27
N ASP A 42 2.04 -8.31 4.46
CA ASP A 42 1.42 -8.86 5.67
C ASP A 42 -0.07 -8.51 5.76
N GLY A 43 -0.86 -9.45 6.25
CA GLY A 43 -2.31 -9.27 6.24
C GLY A 43 -2.79 -8.10 7.08
N GLU A 44 -2.28 -8.00 8.31
CA GLU A 44 -2.72 -6.89 9.17
C GLU A 44 -2.33 -5.55 8.56
N ILE A 45 -1.17 -5.47 7.90
CA ILE A 45 -0.79 -4.22 7.24
C ILE A 45 -1.74 -3.93 6.09
N CYS A 46 -2.16 -4.94 5.33
CA CYS A 46 -3.09 -4.67 4.25
C CYS A 46 -4.41 -4.16 4.80
N HIS A 47 -4.82 -4.71 5.95
CA HIS A 47 -6.00 -4.22 6.65
C HIS A 47 -5.85 -2.76 7.05
N ASP A 48 -4.73 -2.42 7.71
CA ASP A 48 -4.46 -1.04 8.10
C ASP A 48 -4.41 -0.12 6.88
N LEU A 49 -3.80 -0.58 5.78
CA LEU A 49 -3.79 0.21 4.56
C LEU A 49 -5.21 0.49 4.08
N PHE A 50 -6.07 -0.53 4.08
CA PHE A 50 -7.47 -0.35 3.68
C PHE A 50 -8.17 0.70 4.54
N LEU A 51 -8.04 0.58 5.86
CA LEU A 51 -8.66 1.57 6.75
C LEU A 51 -8.09 2.97 6.53
N LEU A 52 -6.85 3.09 6.05
CA LEU A 52 -6.28 4.41 5.79
C LEU A 52 -6.96 5.08 4.61
N LEU A 53 -7.23 4.31 3.55
CA LEU A 53 -8.04 4.82 2.45
C LEU A 53 -9.41 5.25 2.94
N GLY A 54 -10.07 4.37 3.70
CA GLY A 54 -11.37 4.73 4.23
C GLY A 54 -11.31 5.97 5.11
N LYS A 55 -10.29 6.07 5.96
CA LYS A 55 -10.20 7.18 6.88
C LYS A 55 -10.21 8.52 6.15
N TYR A 56 -9.62 8.58 4.96
CA TYR A 56 -9.58 9.82 4.20
C TYR A 56 -10.57 9.81 3.05
N ASN A 57 -11.54 8.88 3.08
CA ASN A 57 -12.68 8.86 2.16
C ASN A 57 -12.23 8.83 0.69
N ILE A 58 -11.29 7.94 0.39
CA ILE A 58 -10.89 7.72 -0.99
C ILE A 58 -11.01 6.24 -1.32
N LEU A 59 -11.94 5.57 -0.64
CA LEU A 59 -12.40 4.26 -1.04
C LEU A 59 -13.41 4.42 -2.17
N PRO A 60 -13.54 3.44 -3.06
CA PRO A 60 -14.57 3.52 -4.09
C PRO A 60 -15.95 3.38 -3.46
N TYR A 61 -16.96 3.84 -4.17
CA TYR A 61 -18.30 3.80 -3.63
C TYR A 61 -19.27 3.26 -4.66
N ASP A 62 -20.38 2.73 -4.16
CA ASP A 62 -21.39 2.04 -4.95
C ASP A 62 -22.56 2.96 -5.23
N THR A 63 -22.81 3.20 -6.52
CA THR A 63 -23.84 4.11 -7.00
C THR A 63 -25.16 3.42 -7.31
N SER A 64 -25.15 2.09 -7.49
CA SER A 64 -26.37 1.29 -7.54
C SER A 64 -27.41 1.78 -6.54
N ASN A 65 -28.66 1.83 -6.98
CA ASN A 65 -29.75 1.90 -6.04
C ASN A 65 -30.12 0.47 -5.68
N ASP A 66 -30.33 0.24 -4.39
CA ASP A 66 -30.57 -1.12 -3.93
C ASP A 66 -32.01 -1.53 -4.21
N SER A 67 -32.18 -2.78 -4.67
CA SER A 67 -33.49 -3.29 -5.04
C SER A 67 -34.42 -3.33 -3.83
N ILE A 68 -35.62 -2.76 -3.98
CA ILE A 68 -36.56 -2.78 -2.86
C ILE A 68 -37.01 -4.19 -2.54
N TYR A 69 -36.84 -5.13 -3.48
CA TYR A 69 -37.22 -6.51 -3.24
C TYR A 69 -36.17 -7.29 -2.45
N ALA A 70 -35.01 -6.68 -2.16
CA ALA A 70 -33.95 -7.38 -1.44
C ALA A 70 -33.67 -6.74 -0.09
N CYS A 71 -34.56 -5.89 0.40
CA CYS A 71 -34.36 -5.41 1.75
C CYS A 71 -34.87 -6.46 2.73
N THR A 72 -34.38 -6.38 3.97
CA THR A 72 -34.74 -7.36 4.99
C THR A 72 -34.83 -6.66 6.34
N ASN A 73 -35.22 -7.39 7.37
CA ASN A 73 -35.47 -6.74 8.65
C ASN A 73 -35.37 -7.72 9.81
N ILE A 74 -34.92 -7.21 10.95
CA ILE A 74 -34.97 -7.90 12.23
C ILE A 74 -35.78 -7.00 13.16
N LYS A 75 -37.06 -7.32 13.35
CA LYS A 75 -38.03 -6.47 14.08
C LYS A 75 -38.00 -5.08 13.46
N HIS A 76 -37.86 -4.01 14.24
CA HIS A 76 -37.91 -2.64 13.73
C HIS A 76 -36.60 -2.21 13.10
N LEU A 77 -35.66 -3.13 12.91
CA LEU A 77 -34.36 -2.82 12.31
C LEU A 77 -34.48 -3.04 10.80
N ASP A 78 -34.50 -1.95 10.03
CA ASP A 78 -34.77 -2.02 8.59
C ASP A 78 -33.46 -1.85 7.82
N PHE A 79 -33.00 -2.94 7.21
CA PHE A 79 -31.82 -2.93 6.36
C PHE A 79 -32.22 -2.69 4.92
N ILE A 80 -31.57 -1.72 4.26
CA ILE A 80 -31.86 -1.44 2.85
C ILE A 80 -31.41 -2.58 1.93
N ASN A 81 -30.47 -3.40 2.38
CA ASN A 81 -30.04 -4.57 1.62
C ASN A 81 -29.49 -5.58 2.61
N PRO A 82 -29.32 -6.85 2.22
CA PRO A 82 -29.08 -7.88 3.23
C PRO A 82 -27.61 -8.12 3.57
N PHE A 83 -26.72 -7.21 3.20
CA PHE A 83 -25.28 -7.45 3.36
C PHE A 83 -24.65 -6.37 4.22
N GLY A 84 -23.90 -6.81 5.23
CA GLY A 84 -23.14 -5.92 6.09
C GLY A 84 -21.75 -6.47 6.35
N VAL A 85 -20.94 -5.68 7.04
CA VAL A 85 -19.56 -6.05 7.32
C VAL A 85 -19.48 -6.60 8.73
N ALA A 86 -18.92 -7.81 8.85
CA ALA A 86 -18.81 -8.48 10.13
C ALA A 86 -17.90 -7.71 11.09
N ALA A 87 -17.99 -8.06 12.36
CA ALA A 87 -17.13 -7.47 13.38
C ALA A 87 -15.66 -7.83 13.13
N GLY A 88 -14.77 -6.99 13.65
CA GLY A 88 -13.36 -7.21 13.51
C GLY A 88 -12.72 -6.59 12.28
N PHE A 89 -13.51 -5.93 11.42
CA PHE A 89 -13.01 -5.28 10.23
C PHE A 89 -12.77 -3.79 10.44
N ASP A 90 -13.72 -3.09 11.02
CA ASP A 90 -13.48 -1.78 11.59
C ASP A 90 -13.66 -1.86 13.10
N LYS A 91 -12.70 -2.53 13.76
CA LYS A 91 -12.76 -2.69 15.21
C LYS A 91 -12.97 -1.36 15.91
N ASN A 92 -12.23 -0.33 15.50
CA ASN A 92 -12.25 0.96 16.17
C ASN A 92 -13.24 1.95 15.55
N GLY A 93 -13.93 1.58 14.48
CA GLY A 93 -14.95 2.43 13.91
C GLY A 93 -14.37 3.73 13.38
N VAL A 94 -13.33 3.63 12.55
CA VAL A 94 -12.61 4.81 12.08
C VAL A 94 -12.98 5.22 10.66
N CYS A 95 -13.62 4.35 9.87
CA CYS A 95 -14.11 4.74 8.57
C CYS A 95 -15.44 4.03 8.30
N ILE A 96 -16.40 4.27 9.17
CA ILE A 96 -17.73 3.70 9.01
C ILE A 96 -18.36 4.19 7.71
N ASP A 97 -18.39 5.51 7.50
CA ASP A 97 -18.95 6.06 6.27
C ASP A 97 -18.39 5.35 5.05
N SER A 98 -17.06 5.34 4.93
CA SER A 98 -16.41 4.83 3.73
C SER A 98 -16.75 3.37 3.47
N ILE A 99 -16.69 2.53 4.50
CA ILE A 99 -16.94 1.11 4.29
C ILE A 99 -18.40 0.88 3.92
N LEU A 100 -19.33 1.59 4.55
CA LEU A 100 -20.73 1.46 4.18
C LEU A 100 -20.94 1.82 2.71
N LYS A 101 -20.29 2.88 2.23
CA LYS A 101 -20.53 3.32 0.87
C LYS A 101 -19.96 2.36 -0.16
N LEU A 102 -19.19 1.36 0.26
CA LEU A 102 -18.85 0.27 -0.65
C LEU A 102 -20.07 -0.50 -1.13
N GLY A 103 -21.24 -0.32 -0.49
CA GLY A 103 -22.45 -0.98 -0.92
C GLY A 103 -23.16 -1.71 0.22
N PHE A 104 -22.57 -1.68 1.40
CA PHE A 104 -23.14 -2.40 2.53
C PHE A 104 -24.25 -1.61 3.20
N SER A 105 -25.16 -2.34 3.85
CA SER A 105 -26.29 -1.72 4.52
C SER A 105 -26.07 -1.56 6.02
N PHE A 106 -25.11 -2.26 6.57
CA PHE A 106 -24.78 -2.07 7.98
C PHE A 106 -23.34 -2.49 8.22
N ILE A 107 -22.80 -2.04 9.35
CA ILE A 107 -21.50 -2.53 9.81
C ILE A 107 -21.57 -2.75 11.31
N GLU A 108 -20.83 -3.77 11.77
CA GLU A 108 -20.73 -4.12 13.18
C GLU A 108 -19.31 -3.78 13.61
N ILE A 109 -19.13 -2.62 14.22
CA ILE A 109 -17.81 -2.21 14.70
C ILE A 109 -17.50 -2.99 15.96
N GLY A 110 -16.23 -2.99 16.35
CA GLY A 110 -15.77 -3.82 17.43
C GLY A 110 -15.14 -5.09 16.90
N THR A 111 -14.84 -6.01 17.83
CA THR A 111 -15.25 -5.94 19.23
C THR A 111 -14.44 -4.96 20.07
N ILE A 112 -15.14 -4.19 20.89
CA ILE A 112 -14.52 -3.20 21.76
C ILE A 112 -14.53 -3.72 23.19
N THR A 113 -13.61 -3.19 23.99
CA THR A 113 -13.47 -3.49 25.41
C THR A 113 -13.46 -2.19 26.18
N PRO A 114 -13.65 -2.24 27.52
CA PRO A 114 -13.60 -1.00 28.31
C PRO A 114 -12.29 -0.22 28.14
N ARG A 115 -11.19 -0.85 28.51
CA ARG A 115 -9.86 -0.26 28.36
C ARG A 115 -9.21 -0.76 27.07
N GLY A 116 -8.40 0.09 26.46
CA GLY A 116 -7.72 -0.30 25.24
C GLY A 116 -6.80 -1.49 25.47
N GLN A 117 -6.62 -2.30 24.43
CA GLN A 117 -5.87 -3.54 24.51
C GLN A 117 -4.91 -3.67 23.33
N THR A 118 -3.67 -4.06 23.63
CA THR A 118 -2.68 -4.34 22.59
C THR A 118 -3.10 -5.49 21.68
N GLY A 119 -3.60 -6.59 22.27
CA GLY A 119 -3.85 -7.81 21.55
C GLY A 119 -2.70 -8.78 21.71
N ASN A 120 -2.76 -9.88 20.96
CA ASN A 120 -1.70 -10.88 21.01
C ASN A 120 -0.54 -10.45 20.11
N ALA A 121 0.57 -11.20 20.21
CA ALA A 121 1.77 -10.86 19.47
C ALA A 121 1.53 -10.96 17.95
N LYS A 122 2.37 -10.20 17.18
CA LYS A 122 2.31 -10.15 15.73
C LYS A 122 3.40 -11.03 15.13
N PRO A 123 3.16 -11.65 13.95
CA PRO A 123 1.90 -11.53 13.19
C PRO A 123 0.80 -12.42 13.76
N ARG A 124 -0.44 -11.98 13.57
CA ARG A 124 -1.60 -12.69 14.10
C ARG A 124 -2.68 -12.92 13.05
N ILE A 125 -2.41 -12.59 11.78
CA ILE A 125 -3.35 -12.83 10.69
C ILE A 125 -2.61 -13.52 9.55
N PHE A 126 -3.17 -14.63 9.03
CA PHE A 126 -2.56 -15.37 7.93
C PHE A 126 -3.63 -15.85 6.96
N ARG A 127 -3.28 -15.90 5.67
CA ARG A 127 -4.24 -16.17 4.60
C ARG A 127 -3.79 -17.36 3.75
N ASP A 128 -4.77 -18.04 3.16
CA ASP A 128 -4.52 -19.09 2.16
C ASP A 128 -5.44 -18.83 0.97
N VAL A 129 -4.88 -18.22 -0.08
CA VAL A 129 -5.68 -17.71 -1.19
C VAL A 129 -6.35 -18.86 -1.95
N GLU A 130 -5.63 -19.96 -2.16
CA GLU A 130 -6.20 -21.08 -2.91
C GLU A 130 -7.52 -21.53 -2.28
N SER A 131 -7.54 -21.67 -0.97
CA SER A 131 -8.73 -22.12 -0.25
C SER A 131 -9.59 -20.97 0.26
N ARG A 132 -9.18 -19.72 0.04
CA ARG A 132 -9.94 -18.56 0.50
C ARG A 132 -10.22 -18.66 1.99
N SER A 133 -9.15 -18.86 2.77
CA SER A 133 -9.27 -19.02 4.21
C SER A 133 -8.37 -18.04 4.95
N ILE A 134 -8.78 -17.71 6.16
CA ILE A 134 -8.02 -16.84 7.03
C ILE A 134 -7.90 -17.56 8.37
N ILE A 135 -6.75 -17.42 9.01
CA ILE A 135 -6.61 -17.75 10.42
C ILE A 135 -6.12 -16.50 11.13
N ASN A 136 -6.59 -16.30 12.37
CA ASN A 136 -6.25 -15.09 13.09
C ASN A 136 -6.25 -15.37 14.58
N SER A 137 -5.48 -14.57 15.30
CA SER A 137 -5.37 -14.71 16.75
C SER A 137 -5.16 -13.33 17.37
N CYS A 138 -5.94 -12.34 16.90
CA CYS A 138 -5.67 -10.95 17.29
C CYS A 138 -5.84 -10.74 18.79
N GLY A 139 -6.84 -11.38 19.39
CA GLY A 139 -7.06 -11.23 20.82
C GLY A 139 -7.67 -9.91 21.24
N PHE A 140 -8.68 -9.42 20.53
CA PHE A 140 -9.41 -8.20 20.89
C PHE A 140 -8.47 -6.99 20.99
N ASN A 141 -7.70 -6.75 19.93
CA ASN A 141 -6.99 -5.49 19.82
C ASN A 141 -7.99 -4.39 19.48
N ASN A 142 -7.99 -3.31 20.27
CA ASN A 142 -8.89 -2.19 20.01
C ASN A 142 -8.47 -1.00 20.88
N MET A 143 -8.93 0.18 20.49
CA MET A 143 -8.54 1.42 21.15
C MET A 143 -9.25 1.65 22.48
N GLY A 144 -10.31 0.92 22.77
CA GLY A 144 -11.04 1.10 24.00
C GLY A 144 -12.40 1.76 23.76
N CYS A 145 -13.31 1.53 24.71
CA CYS A 145 -14.69 2.00 24.57
C CYS A 145 -14.78 3.51 24.52
N ASP A 146 -13.95 4.21 25.29
CA ASP A 146 -14.01 5.67 25.30
C ASP A 146 -13.69 6.23 23.90
N LYS A 147 -12.61 5.78 23.29
CA LYS A 147 -12.22 6.31 21.98
C LYS A 147 -13.20 5.90 20.88
N VAL A 148 -13.64 4.64 20.89
CA VAL A 148 -14.53 4.16 19.83
C VAL A 148 -15.87 4.89 19.89
N THR A 149 -16.36 5.17 21.10
CA THR A 149 -17.59 5.95 21.24
C THR A 149 -17.47 7.29 20.54
N GLU A 150 -16.37 8.01 20.78
CA GLU A 150 -16.19 9.31 20.13
C GLU A 150 -16.19 9.16 18.62
N ASN A 151 -15.61 8.07 18.10
CA ASN A 151 -15.63 7.84 16.66
C ASN A 151 -17.03 7.61 16.14
N LEU A 152 -17.82 6.83 16.89
CA LEU A 152 -19.19 6.55 16.46
C LEU A 152 -20.06 7.81 16.57
N ILE A 153 -19.87 8.60 17.63
CA ILE A 153 -20.60 9.85 17.76
C ILE A 153 -20.36 10.74 16.54
N LEU A 154 -19.13 10.78 16.05
CA LEU A 154 -18.83 11.66 14.93
C LEU A 154 -19.50 11.17 13.67
N PHE A 155 -19.63 9.86 13.51
CA PHE A 155 -20.42 9.32 12.40
C PHE A 155 -21.90 9.68 12.55
N ARG A 156 -22.44 9.51 13.76
CA ARG A 156 -23.86 9.77 13.97
C ARG A 156 -24.21 11.21 13.59
N LYS A 157 -23.34 12.17 13.93
CA LYS A 157 -23.68 13.54 13.59
C LYS A 157 -23.44 13.84 12.12
N ARG A 158 -22.55 13.11 11.45
CA ARG A 158 -22.46 13.25 10.00
C ARG A 158 -23.70 12.67 9.35
N GLN A 159 -24.22 11.59 9.93
CA GLN A 159 -25.48 11.00 9.52
C GLN A 159 -26.64 11.98 9.69
N GLU A 160 -26.53 12.92 10.65
CA GLU A 160 -27.61 13.86 10.91
C GLU A 160 -28.00 14.63 9.66
N GLU A 161 -27.04 14.87 8.76
CA GLU A 161 -27.29 15.68 7.58
C GLU A 161 -27.09 14.95 6.27
N ASP A 162 -26.69 13.69 6.29
CA ASP A 162 -26.42 12.97 5.04
C ASP A 162 -27.58 12.03 4.74
N LYS A 163 -28.23 12.28 3.60
CA LYS A 163 -29.44 11.52 3.24
C LYS A 163 -29.10 10.11 2.79
N LEU A 164 -27.93 9.92 2.15
CA LEU A 164 -27.58 8.59 1.64
C LEU A 164 -27.19 7.64 2.76
N LEU A 165 -26.84 8.14 3.93
CA LEU A 165 -26.45 7.29 5.05
C LEU A 165 -27.53 7.16 6.11
N SER A 166 -28.64 7.88 5.97
CA SER A 166 -29.62 7.99 7.04
C SER A 166 -30.32 6.68 7.36
N LYS A 167 -30.26 5.68 6.47
CA LYS A 167 -30.93 4.42 6.72
C LYS A 167 -29.95 3.27 6.95
N HIS A 168 -28.65 3.57 7.08
CA HIS A 168 -27.67 2.54 7.36
C HIS A 168 -27.59 2.26 8.86
N ILE A 169 -27.31 1.01 9.20
CA ILE A 169 -27.40 0.49 10.56
C ILE A 169 -25.98 0.28 11.08
N VAL A 170 -25.76 0.57 12.36
CA VAL A 170 -24.46 0.33 12.98
C VAL A 170 -24.68 -0.45 14.27
N GLY A 171 -24.11 -1.65 14.33
CA GLY A 171 -24.06 -2.41 15.56
C GLY A 171 -22.72 -2.23 16.24
N VAL A 172 -22.67 -2.63 17.51
CA VAL A 172 -21.45 -2.57 18.30
C VAL A 172 -21.28 -3.92 18.98
N SER A 173 -20.11 -4.54 18.80
CA SER A 173 -19.83 -5.81 19.43
C SER A 173 -18.92 -5.60 20.64
N ILE A 174 -19.33 -6.11 21.80
CA ILE A 174 -18.70 -5.82 23.08
C ILE A 174 -18.19 -7.11 23.68
N GLY A 175 -17.03 -7.04 24.33
CA GLY A 175 -16.42 -8.18 24.98
C GLY A 175 -15.64 -7.80 26.24
N LYS A 176 -14.76 -8.67 26.73
CA LYS A 176 -14.05 -8.38 27.97
C LYS A 176 -12.55 -8.15 27.70
N ASN A 177 -11.97 -7.31 28.55
CA ASN A 177 -10.53 -7.13 28.55
C ASN A 177 -9.86 -8.44 28.99
N LYS A 178 -8.67 -8.68 28.44
CA LYS A 178 -7.95 -9.93 28.70
C LYS A 178 -7.84 -10.21 30.20
N ASP A 179 -7.39 -9.23 30.97
CA ASP A 179 -7.18 -9.40 32.41
C ASP A 179 -8.37 -8.82 33.19
N THR A 180 -9.52 -9.48 33.04
CA THR A 180 -10.76 -9.15 33.74
C THR A 180 -11.40 -10.44 34.19
N VAL A 181 -12.00 -10.45 35.38
CA VAL A 181 -12.45 -11.74 35.93
C VAL A 181 -13.89 -12.05 35.56
N ASN A 182 -14.86 -11.17 35.87
CA ASN A 182 -16.25 -11.40 35.50
C ASN A 182 -16.60 -10.52 34.31
N ILE A 183 -17.04 -11.13 33.23
CA ILE A 183 -17.25 -10.42 31.96
C ILE A 183 -18.41 -9.41 32.07
N VAL A 184 -19.36 -9.65 32.96
CA VAL A 184 -20.52 -8.77 33.10
C VAL A 184 -20.11 -7.34 33.40
N ASP A 185 -19.09 -7.16 34.25
CA ASP A 185 -18.66 -5.80 34.59
C ASP A 185 -18.16 -5.05 33.35
N ASP A 186 -17.48 -5.75 32.45
CA ASP A 186 -16.92 -5.08 31.29
C ASP A 186 -18.01 -4.77 30.26
N LEU A 187 -18.97 -5.69 30.06
CA LEU A 187 -20.08 -5.39 29.15
C LEU A 187 -20.92 -4.23 29.67
N LYS A 188 -21.09 -4.14 30.99
CA LYS A 188 -21.84 -3.02 31.56
C LYS A 188 -21.16 -1.69 31.29
N TYR A 189 -19.83 -1.62 31.44
CA TYR A 189 -19.15 -0.37 31.16
C TYR A 189 -19.34 0.08 29.73
N CYS A 190 -19.40 -0.87 28.79
CA CYS A 190 -19.51 -0.54 27.37
C CYS A 190 -20.91 -0.08 27.00
N ILE A 191 -21.93 -0.68 27.62
CA ILE A 191 -23.31 -0.29 27.31
C ILE A 191 -23.59 1.12 27.83
N ASN A 192 -23.10 1.43 29.04
CA ASN A 192 -23.31 2.76 29.58
C ASN A 192 -22.54 3.82 28.81
N LYS A 193 -21.48 3.44 28.10
CA LYS A 193 -20.72 4.42 27.34
C LYS A 193 -21.21 4.53 25.90
N ILE A 194 -21.41 3.41 25.22
CA ILE A 194 -21.67 3.43 23.79
C ILE A 194 -23.07 2.97 23.42
N GLY A 195 -23.83 2.39 24.35
CA GLY A 195 -25.12 1.80 23.99
C GLY A 195 -26.09 2.78 23.36
N ARG A 196 -26.05 4.05 23.77
CA ARG A 196 -26.99 5.03 23.28
C ARG A 196 -26.81 5.32 21.79
N TYR A 197 -25.67 4.96 21.20
CA TYR A 197 -25.37 5.27 19.80
C TYR A 197 -25.40 4.05 18.89
N ALA A 198 -25.74 2.88 19.42
CA ALA A 198 -25.76 1.65 18.66
C ALA A 198 -27.21 1.29 18.31
N ASP A 199 -27.42 0.81 17.08
CA ASP A 199 -28.71 0.27 16.71
C ASP A 199 -28.91 -1.12 17.27
N TYR A 200 -27.82 -1.83 17.55
CA TYR A 200 -27.89 -3.10 18.24
C TYR A 200 -26.55 -3.38 18.88
N ILE A 201 -26.57 -4.27 19.86
CA ILE A 201 -25.39 -4.66 20.62
C ILE A 201 -25.13 -6.13 20.37
N ALA A 202 -23.89 -6.46 20.03
CA ALA A 202 -23.48 -7.84 19.87
C ALA A 202 -22.65 -8.26 21.08
N ILE A 203 -23.12 -9.26 21.80
CA ILE A 203 -22.37 -9.83 22.91
C ILE A 203 -21.46 -10.91 22.35
N ASN A 204 -20.16 -10.71 22.48
CA ASN A 204 -19.18 -11.62 21.88
C ASN A 204 -18.72 -12.60 22.96
N VAL A 205 -19.35 -13.76 23.01
CA VAL A 205 -18.86 -14.90 23.77
C VAL A 205 -18.28 -15.99 22.88
N SER A 206 -18.26 -15.77 21.56
CA SER A 206 -17.76 -16.75 20.60
C SER A 206 -16.23 -16.79 20.50
N SER A 207 -15.54 -15.66 20.66
CA SER A 207 -14.16 -15.53 20.22
C SER A 207 -13.26 -16.63 20.80
N PRO A 208 -12.37 -17.21 20.01
CA PRO A 208 -11.42 -18.22 20.53
C PRO A 208 -10.07 -17.69 20.99
N ASN A 209 -9.81 -16.39 20.86
CA ASN A 209 -8.49 -15.85 21.12
C ASN A 209 -8.40 -15.17 22.48
N THR A 210 -9.48 -15.17 23.26
CA THR A 210 -9.43 -14.69 24.63
C THR A 210 -9.57 -15.88 25.57
N PRO A 211 -8.55 -16.19 26.38
CA PRO A 211 -8.56 -17.38 27.23
C PRO A 211 -9.87 -17.61 27.99
N GLY A 212 -10.49 -18.75 27.74
CA GLY A 212 -11.68 -19.14 28.47
C GLY A 212 -12.87 -18.21 28.34
N LEU A 213 -13.06 -17.59 27.18
CA LEU A 213 -14.26 -16.78 26.99
C LEU A 213 -15.36 -17.53 26.25
N ARG A 214 -15.03 -18.61 25.56
CA ARG A 214 -16.03 -19.49 24.96
C ARG A 214 -16.75 -20.35 25.99
N ASP A 215 -16.34 -20.29 27.25
CA ASP A 215 -17.03 -21.00 28.33
C ASP A 215 -18.21 -20.20 28.85
N ASN A 216 -18.39 -18.98 28.38
CA ASN A 216 -19.56 -18.20 28.69
C ASN A 216 -20.75 -18.58 27.84
N GLN A 217 -20.65 -19.63 27.04
CA GLN A 217 -21.81 -20.15 26.32
C GLN A 217 -22.45 -21.33 27.03
N GLU A 218 -22.05 -21.61 28.27
CA GLU A 218 -22.81 -22.51 29.10
C GLU A 218 -24.17 -21.86 29.42
N ALA A 219 -25.22 -22.67 29.41
CA ALA A 219 -26.57 -22.13 29.54
C ALA A 219 -26.69 -21.25 30.78
N GLY A 220 -26.13 -21.69 31.90
CA GLY A 220 -26.17 -20.88 33.11
C GLY A 220 -25.52 -19.51 32.95
N LYS A 221 -24.25 -19.50 32.49
CA LYS A 221 -23.50 -18.25 32.43
C LYS A 221 -24.07 -17.31 31.36
N LEU A 222 -24.36 -17.85 30.17
CA LEU A 222 -24.88 -17.02 29.08
C LEU A 222 -26.19 -16.36 29.47
N LYS A 223 -27.00 -17.05 30.27
CA LYS A 223 -28.28 -16.50 30.71
C LYS A 223 -28.08 -15.27 31.57
N ASN A 224 -27.22 -15.37 32.59
CA ASN A 224 -26.93 -14.23 33.43
C ASN A 224 -26.35 -13.07 32.62
N ILE A 225 -25.53 -13.39 31.61
CA ILE A 225 -24.91 -12.35 30.79
C ILE A 225 -25.97 -11.58 30.02
N ILE A 226 -26.87 -12.31 29.35
CA ILE A 226 -27.88 -11.65 28.53
C ILE A 226 -28.78 -10.77 29.38
N LEU A 227 -29.24 -11.31 30.52
CA LEU A 227 -30.15 -10.55 31.37
C LEU A 227 -29.49 -9.28 31.89
N SER A 228 -28.22 -9.37 32.27
CA SER A 228 -27.47 -8.17 32.67
C SER A 228 -27.44 -7.14 31.55
N VAL A 229 -27.06 -7.56 30.35
CA VAL A 229 -26.94 -6.62 29.24
C VAL A 229 -28.28 -5.97 28.97
N LYS A 230 -29.35 -6.77 28.93
CA LYS A 230 -30.68 -6.19 28.74
C LYS A 230 -31.01 -5.22 29.87
N GLU A 231 -30.73 -5.63 31.12
CA GLU A 231 -31.02 -4.76 32.25
C GLU A 231 -30.33 -3.42 32.10
N GLU A 232 -29.06 -3.43 31.67
CA GLU A 232 -28.31 -2.18 31.57
C GLU A 232 -28.86 -1.29 30.46
N ILE A 233 -29.29 -1.90 29.35
CA ILE A 233 -29.86 -1.12 28.26
C ILE A 233 -31.18 -0.48 28.70
N ASP A 234 -32.06 -1.24 29.35
CA ASP A 234 -33.32 -0.64 29.77
C ASP A 234 -33.12 0.38 30.88
N ASN A 235 -32.01 0.31 31.60
CA ASN A 235 -31.74 1.29 32.65
C ASN A 235 -31.18 2.59 32.10
N LEU A 236 -30.74 2.63 30.84
CA LEU A 236 -30.21 3.87 30.27
C LEU A 236 -31.29 4.93 30.14
N GLU A 237 -32.55 4.52 30.00
CA GLU A 237 -33.66 5.47 29.98
C GLU A 237 -33.75 6.19 31.32
N LYS A 238 -34.22 5.46 32.34
CA LYS A 238 -34.33 6.03 33.69
C LYS A 238 -32.96 6.10 34.37
N ASN A 239 -31.96 6.71 33.69
CA ASN A 239 -30.67 6.97 34.29
C ASN A 239 -30.11 8.31 33.81
N ASN A 240 -30.88 9.09 33.04
CA ASN A 240 -30.49 10.47 32.72
C ASN A 240 -31.67 11.32 32.23
N ASP A 244 -32.20 18.20 27.32
CA ASP A 244 -31.84 18.78 26.03
C ASP A 244 -30.92 17.83 25.25
N GLU A 245 -31.21 16.53 25.34
CA GLU A 245 -30.37 15.55 24.65
C GLU A 245 -31.19 14.30 24.32
N PHE A 246 -31.05 13.83 23.08
CA PHE A 246 -31.82 12.68 22.62
C PHE A 246 -31.24 11.40 23.18
N LEU A 247 -32.08 10.57 23.80
CA LEU A 247 -31.56 9.38 24.45
C LEU A 247 -30.99 8.41 23.43
N TRP A 248 -31.73 8.14 22.35
CA TRP A 248 -31.32 7.15 21.37
C TRP A 248 -30.74 7.90 20.17
N PHE A 249 -29.42 8.02 20.16
CA PHE A 249 -28.68 8.78 19.15
C PHE A 249 -28.18 7.84 18.05
N ASN A 250 -29.13 7.19 17.39
CA ASN A 250 -28.81 6.16 16.41
C ASN A 250 -29.79 6.28 15.24
N THR A 251 -29.83 5.24 14.40
CA THR A 251 -30.75 5.22 13.27
C THR A 251 -32.17 4.87 13.68
N THR A 252 -32.33 3.74 14.39
CA THR A 252 -33.64 3.29 14.86
C THR A 252 -34.37 4.35 15.67
N LYS A 253 -33.64 5.15 16.46
CA LYS A 253 -34.19 6.00 17.51
C LYS A 253 -34.87 5.22 18.63
N LYS A 254 -34.57 3.92 18.74
CA LYS A 254 -35.06 3.09 19.82
C LYS A 254 -33.86 2.49 20.54
N LYS A 255 -34.11 1.85 21.67
CA LYS A 255 -33.04 1.17 22.38
C LYS A 255 -32.41 0.12 21.47
N PRO A 256 -31.10 -0.12 21.57
CA PRO A 256 -30.48 -1.11 20.70
C PRO A 256 -31.01 -2.52 20.95
N LEU A 257 -31.09 -3.30 19.89
CA LEU A 257 -31.41 -4.69 20.05
C LEU A 257 -30.20 -5.46 20.56
N VAL A 258 -30.46 -6.60 21.18
CA VAL A 258 -29.40 -7.42 21.76
C VAL A 258 -29.27 -8.69 20.93
N PHE A 259 -28.09 -8.91 20.36
CA PHE A 259 -27.72 -10.13 19.66
C PHE A 259 -26.63 -10.82 20.45
N VAL A 260 -26.42 -12.10 20.15
CA VAL A 260 -25.27 -12.82 20.67
C VAL A 260 -24.62 -13.54 19.50
N LYS A 261 -23.28 -13.52 19.46
CA LYS A 261 -22.51 -14.16 18.42
C LYS A 261 -21.97 -15.47 18.97
N LEU A 262 -22.33 -16.59 18.32
CA LEU A 262 -22.04 -17.92 18.82
C LEU A 262 -20.89 -18.57 18.06
N ALA A 263 -20.12 -19.35 18.77
CA ALA A 263 -19.04 -20.12 18.18
C ALA A 263 -19.57 -21.41 17.57
N PRO A 264 -19.07 -21.83 16.40
CA PRO A 264 -19.58 -23.05 15.76
C PRO A 264 -19.11 -24.33 16.42
N ASP A 265 -18.22 -24.28 17.41
CA ASP A 265 -17.64 -25.50 17.98
C ASP A 265 -18.40 -25.93 19.23
N LEU A 266 -19.65 -26.35 18.99
CA LEU A 266 -20.50 -26.88 20.03
C LEU A 266 -21.15 -28.17 19.53
N ASN A 267 -21.50 -29.04 20.47
CA ASN A 267 -22.22 -30.25 20.06
C ASN A 267 -23.72 -30.00 20.11
N GLN A 268 -24.49 -31.01 19.73
CA GLN A 268 -25.95 -30.85 19.63
C GLN A 268 -26.56 -30.42 20.95
N GLU A 269 -26.07 -30.97 22.07
CA GLU A 269 -26.65 -30.67 23.37
C GLU A 269 -26.44 -29.21 23.75
N GLN A 270 -25.22 -28.70 23.57
CA GLN A 270 -24.96 -27.30 23.89
C GLN A 270 -25.84 -26.39 23.04
N LYS A 271 -26.09 -26.78 21.80
CA LYS A 271 -26.88 -25.93 20.91
C LYS A 271 -28.33 -25.84 21.39
N LYS A 272 -28.90 -26.97 21.82
CA LYS A 272 -30.27 -26.95 22.32
C LYS A 272 -30.37 -26.22 23.64
N GLU A 273 -29.37 -26.33 24.50
CA GLU A 273 -29.41 -25.61 25.77
C GLU A 273 -29.35 -24.11 25.53
N ILE A 274 -28.44 -23.67 24.66
CA ILE A 274 -28.31 -22.26 24.35
C ILE A 274 -29.62 -21.74 23.74
N ALA A 275 -30.26 -22.55 22.91
CA ALA A 275 -31.52 -22.14 22.29
C ALA A 275 -32.59 -21.87 23.35
N ASP A 276 -32.66 -22.72 24.37
CA ASP A 276 -33.60 -22.47 25.45
C ASP A 276 -33.33 -21.12 26.11
N VAL A 277 -32.06 -20.81 26.36
CA VAL A 277 -31.72 -19.54 27.02
C VAL A 277 -32.11 -18.37 26.13
N LEU A 278 -31.82 -18.44 24.84
CA LEU A 278 -32.14 -17.31 23.98
C LEU A 278 -33.65 -17.12 23.82
N LEU A 279 -34.45 -18.17 24.04
CA LEU A 279 -35.90 -17.99 24.09
C LEU A 279 -36.35 -17.36 25.41
N GLU A 280 -35.88 -17.93 26.53
CA GLU A 280 -36.26 -17.44 27.85
C GLU A 280 -35.87 -15.98 28.04
N THR A 281 -34.63 -15.63 27.68
CA THR A 281 -34.14 -14.29 27.90
C THR A 281 -34.69 -13.27 26.92
N ASN A 282 -35.33 -13.73 25.84
CA ASN A 282 -35.98 -12.86 24.84
C ASN A 282 -34.96 -12.04 24.06
N ILE A 283 -33.90 -12.70 23.61
CA ILE A 283 -32.90 -12.08 22.76
C ILE A 283 -33.54 -11.70 21.41
N ASP A 284 -32.99 -10.66 20.77
CA ASP A 284 -33.54 -10.14 19.53
C ASP A 284 -32.94 -10.77 18.28
N GLY A 285 -31.81 -11.46 18.41
CA GLY A 285 -31.23 -12.17 17.28
C GLY A 285 -29.97 -12.89 17.72
N MET A 286 -29.48 -13.73 16.81
CA MET A 286 -28.22 -14.42 17.04
C MET A 286 -27.36 -14.35 15.78
N ILE A 287 -26.06 -14.12 15.99
CA ILE A 287 -25.10 -14.03 14.91
C ILE A 287 -24.41 -15.38 14.81
N ILE A 288 -24.59 -16.04 13.66
CA ILE A 288 -24.11 -17.39 13.44
C ILE A 288 -23.30 -17.42 12.15
N SER A 289 -21.98 -17.58 12.26
CA SER A 289 -21.26 -17.84 13.50
C SER A 289 -19.87 -17.14 13.46
N ASN A 290 -19.14 -17.23 14.57
CA ASN A 290 -17.74 -16.83 14.62
C ASN A 290 -16.85 -17.91 14.01
N THR A 291 -15.53 -17.75 14.15
CA THR A 291 -14.56 -18.64 13.53
C THR A 291 -14.48 -19.96 14.29
N THR A 292 -13.89 -20.94 13.63
CA THR A 292 -13.80 -22.29 14.14
C THR A 292 -12.35 -22.68 14.40
N THR A 293 -12.17 -23.57 15.37
CA THR A 293 -10.88 -24.19 15.65
C THR A 293 -10.84 -25.63 15.16
N GLN A 294 -11.87 -26.09 14.47
CA GLN A 294 -12.01 -27.49 14.07
C GLN A 294 -11.46 -27.78 12.68
N ILE A 295 -10.95 -26.78 11.97
CA ILE A 295 -10.40 -26.99 10.63
C ILE A 295 -8.91 -27.29 10.77
N ASN A 296 -8.49 -28.44 10.26
CA ASN A 296 -7.09 -28.85 10.39
C ASN A 296 -6.54 -29.41 9.09
N ASP A 297 -7.18 -29.12 7.96
CA ASP A 297 -6.73 -29.58 6.66
C ASP A 297 -6.26 -28.43 5.76
N ILE A 298 -5.77 -27.35 6.35
CA ILE A 298 -5.10 -26.28 5.60
C ILE A 298 -3.62 -26.39 5.91
N LYS A 299 -2.82 -26.76 4.91
CA LYS A 299 -1.42 -27.08 5.18
C LYS A 299 -0.65 -25.85 5.62
N SER A 300 -0.93 -24.68 5.03
CA SER A 300 -0.18 -23.49 5.38
C SER A 300 -0.54 -22.97 6.77
N PHE A 301 -1.66 -23.43 7.33
CA PHE A 301 -2.04 -23.07 8.69
C PHE A 301 -1.54 -24.11 9.69
N GLU A 302 -0.51 -24.87 9.31
CA GLU A 302 -0.04 -26.01 10.09
C GLU A 302 0.32 -25.61 11.51
N ASN A 303 1.32 -24.74 11.65
CA ASN A 303 1.83 -24.34 12.95
C ASN A 303 1.16 -23.07 13.47
N LYS A 304 0.14 -22.56 12.79
CA LYS A 304 -0.51 -21.33 13.22
C LYS A 304 -1.64 -21.64 14.18
N LYS A 305 -1.96 -20.64 15.00
CA LYS A 305 -2.97 -20.77 16.04
C LYS A 305 -4.10 -19.77 15.81
N GLY A 306 -5.30 -20.13 16.28
CA GLY A 306 -6.41 -19.19 16.20
C GLY A 306 -7.64 -19.81 15.58
N GLY A 307 -8.58 -18.94 15.19
CA GLY A 307 -9.81 -19.36 14.56
C GLY A 307 -9.75 -19.13 13.06
N VAL A 308 -10.32 -20.07 12.32
CA VAL A 308 -10.30 -20.05 10.85
C VAL A 308 -11.62 -19.49 10.34
N SER A 309 -11.54 -18.58 9.38
CA SER A 309 -12.72 -18.03 8.71
C SER A 309 -12.65 -18.31 7.23
N GLY A 310 -13.73 -17.98 6.51
CA GLY A 310 -13.73 -18.06 5.06
C GLY A 310 -14.36 -19.31 4.47
N ALA A 311 -13.91 -19.68 3.26
CA ALA A 311 -14.64 -20.64 2.45
C ALA A 311 -14.76 -22.01 3.12
N LYS A 312 -13.77 -22.42 3.90
CA LYS A 312 -13.88 -23.73 4.54
C LYS A 312 -14.82 -23.69 5.75
N LEU A 313 -15.35 -22.53 6.09
CA LEU A 313 -16.28 -22.39 7.20
C LEU A 313 -17.74 -22.42 6.76
N LYS A 314 -18.01 -22.25 5.46
CA LYS A 314 -19.37 -22.01 4.99
C LYS A 314 -20.31 -23.16 5.35
N ASP A 315 -19.91 -24.39 5.03
CA ASP A 315 -20.79 -25.52 5.32
C ASP A 315 -21.01 -25.70 6.82
N ILE A 316 -19.94 -25.53 7.62
CA ILE A 316 -20.08 -25.48 9.08
C ILE A 316 -21.14 -24.46 9.48
N SER A 317 -20.89 -23.19 9.16
CA SER A 317 -21.78 -22.12 9.58
C SER A 317 -23.23 -22.36 9.13
N THR A 318 -23.43 -22.85 7.91
CA THR A 318 -24.78 -23.00 7.38
C THR A 318 -25.56 -24.09 8.11
N LYS A 319 -24.92 -25.24 8.37
CA LYS A 319 -25.62 -26.28 9.11
C LYS A 319 -25.92 -25.84 10.54
N PHE A 320 -25.03 -25.03 11.12
CA PHE A 320 -25.30 -24.41 12.41
C PHE A 320 -26.54 -23.52 12.34
N ILE A 321 -26.74 -22.83 11.21
CA ILE A 321 -27.94 -22.02 11.06
C ILE A 321 -29.20 -22.89 11.09
N CYS A 322 -29.18 -24.03 10.39
CA CYS A 322 -30.39 -24.85 10.30
C CYS A 322 -30.77 -25.38 11.66
N GLU A 323 -29.78 -25.83 12.44
CA GLU A 323 -30.08 -26.38 13.76
C GLU A 323 -30.65 -25.30 14.67
N MET A 324 -30.00 -24.13 14.73
CA MET A 324 -30.49 -23.09 15.62
C MET A 324 -31.83 -22.52 15.15
N TYR A 325 -32.06 -22.46 13.84
CA TYR A 325 -33.39 -22.10 13.35
C TYR A 325 -34.43 -23.12 13.82
N ASN A 326 -34.04 -24.39 13.90
CA ASN A 326 -34.98 -25.41 14.34
C ASN A 326 -35.17 -25.40 15.85
N TYR A 327 -34.07 -25.28 16.61
CA TYR A 327 -34.13 -25.37 18.06
C TYR A 327 -34.82 -24.16 18.70
N THR A 328 -34.84 -23.02 18.02
CA THR A 328 -35.54 -21.85 18.53
C THR A 328 -36.92 -21.66 17.89
N ASN A 329 -37.43 -22.68 17.21
CA ASN A 329 -38.77 -22.64 16.61
C ASN A 329 -38.95 -21.40 15.73
N LYS A 330 -37.90 -21.06 14.98
CA LYS A 330 -37.90 -19.92 14.07
C LYS A 330 -38.24 -18.60 14.79
N GLN A 331 -38.09 -18.57 16.11
CA GLN A 331 -38.47 -17.40 16.90
C GLN A 331 -37.37 -16.34 17.02
N ILE A 332 -36.13 -16.69 16.75
CA ILE A 332 -35.01 -15.77 16.92
C ILE A 332 -34.42 -15.49 15.54
N PRO A 333 -34.49 -14.25 15.05
CA PRO A 333 -33.91 -13.97 13.72
C PRO A 333 -32.41 -14.21 13.77
N ILE A 334 -31.84 -14.46 12.59
CA ILE A 334 -30.45 -14.89 12.49
C ILE A 334 -29.71 -13.94 11.57
N ILE A 335 -28.54 -13.47 12.02
CA ILE A 335 -27.56 -12.83 11.17
C ILE A 335 -26.53 -13.90 10.80
N ALA A 336 -26.36 -14.14 9.51
CA ALA A 336 -25.45 -15.18 9.05
C ALA A 336 -24.02 -14.63 8.94
N SER A 337 -23.05 -15.46 9.33
CA SER A 337 -21.65 -15.15 9.15
C SER A 337 -20.86 -16.44 8.94
N GLY A 338 -20.02 -16.48 7.91
CA GLY A 338 -19.18 -17.63 7.68
C GLY A 338 -19.12 -18.12 6.25
N GLY A 339 -18.07 -17.73 5.53
CA GLY A 339 -17.82 -18.26 4.20
C GLY A 339 -18.75 -17.76 3.12
N ILE A 340 -19.26 -16.55 3.25
CA ILE A 340 -20.17 -15.98 2.26
C ILE A 340 -19.34 -15.14 1.28
N PHE A 341 -19.25 -15.61 0.03
CA PHE A 341 -18.57 -14.89 -1.05
C PHE A 341 -19.49 -14.56 -2.21
N SER A 342 -20.36 -15.48 -2.61
CA SER A 342 -21.19 -15.33 -3.78
C SER A 342 -22.65 -15.10 -3.41
N GLY A 343 -23.43 -14.69 -4.40
CA GLY A 343 -24.87 -14.58 -4.21
C GLY A 343 -25.51 -15.92 -3.86
N LEU A 344 -24.97 -17.02 -4.39
CA LEU A 344 -25.56 -18.31 -4.09
C LEU A 344 -25.19 -18.78 -2.70
N ASP A 345 -24.02 -18.38 -2.20
CA ASP A 345 -23.70 -18.57 -0.79
C ASP A 345 -24.73 -17.89 0.08
N ALA A 346 -25.09 -16.66 -0.27
CA ALA A 346 -26.04 -15.90 0.54
C ALA A 346 -27.40 -16.59 0.56
N LEU A 347 -27.87 -17.03 -0.61
CA LEU A 347 -29.18 -17.67 -0.68
C LEU A 347 -29.23 -18.95 0.16
N GLU A 348 -28.11 -19.65 0.29
CA GLU A 348 -28.05 -20.82 1.17
C GLU A 348 -28.28 -20.42 2.62
N LYS A 349 -27.61 -19.37 3.08
CA LYS A 349 -27.83 -18.87 4.44
C LYS A 349 -29.28 -18.47 4.64
N ILE A 350 -29.80 -17.63 3.74
CA ILE A 350 -31.17 -17.14 3.87
C ILE A 350 -32.15 -18.31 3.89
N GLU A 351 -32.03 -19.22 2.92
CA GLU A 351 -32.91 -20.39 2.89
C GLU A 351 -32.72 -21.28 4.12
N ALA A 352 -31.61 -21.13 4.84
CA ALA A 352 -31.40 -21.90 6.05
C ALA A 352 -32.01 -21.27 7.29
N GLY A 353 -32.35 -19.98 7.22
CA GLY A 353 -33.00 -19.31 8.32
C GLY A 353 -32.51 -17.89 8.56
N ALA A 354 -31.49 -17.46 7.83
CA ALA A 354 -30.90 -16.16 8.09
C ALA A 354 -31.70 -15.05 7.42
N SER A 355 -31.88 -13.95 8.13
CA SER A 355 -32.54 -12.79 7.57
C SER A 355 -31.57 -11.79 6.95
N VAL A 356 -30.28 -11.96 7.21
CA VAL A 356 -29.28 -10.98 6.80
C VAL A 356 -27.92 -11.65 6.88
N CYS A 357 -26.95 -11.15 6.10
CA CYS A 357 -25.63 -11.77 6.02
C CYS A 357 -24.52 -10.76 6.27
N GLN A 358 -23.34 -11.30 6.58
CA GLN A 358 -22.22 -10.52 7.05
C GLN A 358 -20.98 -11.01 6.32
N LEU A 359 -20.30 -10.11 5.64
CA LEU A 359 -19.11 -10.46 4.89
C LEU A 359 -17.88 -10.06 5.70
N TYR A 360 -16.86 -10.92 5.67
CA TYR A 360 -15.54 -10.56 6.13
C TYR A 360 -14.52 -11.05 5.11
N SER A 361 -14.28 -12.37 5.08
CA SER A 361 -13.26 -12.93 4.17
C SER A 361 -13.58 -12.62 2.72
N CYS A 362 -14.79 -12.19 2.42
CA CYS A 362 -15.09 -11.82 1.05
C CYS A 362 -14.42 -10.50 0.67
N LEU A 363 -14.33 -9.56 1.60
CA LEU A 363 -13.60 -8.33 1.33
C LEU A 363 -12.12 -8.61 1.15
N VAL A 364 -11.56 -9.51 1.95
CA VAL A 364 -10.12 -9.77 1.91
C VAL A 364 -9.72 -10.36 0.56
N PHE A 365 -10.49 -11.34 0.07
CA PHE A 365 -10.11 -12.06 -1.14
C PHE A 365 -10.77 -11.53 -2.41
N ASN A 366 -11.91 -10.86 -2.32
CA ASN A 366 -12.55 -10.30 -3.51
C ASN A 366 -12.42 -8.80 -3.62
N GLY A 367 -12.11 -8.11 -2.51
CA GLY A 367 -11.76 -6.70 -2.58
C GLY A 367 -12.95 -5.76 -2.58
N MET A 368 -12.74 -4.60 -3.22
CA MET A 368 -13.71 -3.52 -3.15
C MET A 368 -15.05 -3.90 -3.78
N LYS A 369 -15.05 -4.83 -4.74
CA LYS A 369 -16.25 -5.14 -5.51
C LYS A 369 -17.23 -6.05 -4.78
N SER A 370 -16.98 -6.38 -3.51
CA SER A 370 -17.67 -7.52 -2.90
C SER A 370 -19.14 -7.23 -2.69
N ALA A 371 -19.47 -6.00 -2.26
CA ALA A 371 -20.88 -5.68 -2.05
C ALA A 371 -21.62 -5.53 -3.37
N VAL A 372 -21.03 -4.86 -4.36
CA VAL A 372 -21.71 -4.70 -5.65
C VAL A 372 -21.99 -6.06 -6.28
N GLN A 373 -20.97 -6.92 -6.32
CA GLN A 373 -21.12 -8.20 -7.01
C GLN A 373 -22.16 -9.08 -6.34
N ILE A 374 -22.10 -9.20 -5.01
CA ILE A 374 -22.99 -10.15 -4.34
C ILE A 374 -24.43 -9.67 -4.34
N LYS A 375 -24.66 -8.36 -4.23
CA LYS A 375 -26.03 -7.86 -4.33
C LYS A 375 -26.61 -8.16 -5.69
N ARG A 376 -25.83 -7.92 -6.75
CA ARG A 376 -26.31 -8.17 -8.10
C ARG A 376 -26.62 -9.64 -8.29
N GLU A 377 -25.70 -10.51 -7.87
CA GLU A 377 -25.88 -11.94 -8.04
C GLU A 377 -27.12 -12.44 -7.29
N LEU A 378 -27.34 -11.94 -6.07
CA LEU A 378 -28.49 -12.39 -5.30
C LEU A 378 -29.81 -11.89 -5.89
N ASN A 379 -29.83 -10.66 -6.40
CA ASN A 379 -31.05 -10.17 -7.05
C ASN A 379 -31.46 -11.10 -8.19
N HIS A 380 -30.52 -11.45 -9.06
CA HIS A 380 -30.84 -12.35 -10.16
C HIS A 380 -31.22 -13.73 -9.66
N LEU A 381 -30.61 -14.17 -8.55
CA LEU A 381 -30.92 -15.49 -8.02
C LEU A 381 -32.35 -15.56 -7.50
N LEU A 382 -32.75 -14.54 -6.72
CA LEU A 382 -34.11 -14.53 -6.16
C LEU A 382 -35.14 -14.60 -7.27
N TYR A 383 -34.91 -13.90 -8.38
CA TYR A 383 -35.87 -14.00 -9.47
C TYR A 383 -35.85 -15.39 -10.09
N GLN A 384 -34.66 -15.96 -10.29
CA GLN A 384 -34.56 -17.26 -10.96
C GLN A 384 -35.19 -18.37 -10.14
N ARG A 385 -35.27 -18.21 -8.83
CA ARG A 385 -35.88 -19.22 -7.96
C ARG A 385 -37.33 -18.91 -7.63
N GLY A 386 -37.88 -17.83 -8.18
CA GLY A 386 -39.29 -17.53 -8.04
C GLY A 386 -39.69 -16.80 -6.78
N TYR A 387 -38.74 -16.19 -6.07
CA TYR A 387 -39.02 -15.45 -4.86
C TYR A 387 -39.38 -14.01 -5.22
N TYR A 388 -40.57 -13.57 -4.81
CA TYR A 388 -40.99 -12.18 -5.09
C TYR A 388 -40.09 -11.18 -4.38
N ASN A 389 -39.66 -11.49 -3.16
CA ASN A 389 -38.71 -10.66 -2.43
C ASN A 389 -37.88 -11.56 -1.53
N LEU A 390 -36.96 -10.95 -0.79
CA LEU A 390 -36.01 -11.74 -0.02
C LEU A 390 -36.68 -12.40 1.18
N LYS A 391 -37.64 -11.73 1.81
CA LYS A 391 -38.26 -12.27 3.02
C LYS A 391 -39.06 -13.52 2.74
N GLU A 392 -39.53 -13.70 1.51
CA GLU A 392 -40.18 -14.95 1.11
C GLU A 392 -39.21 -16.13 1.15
N ALA A 393 -37.90 -15.89 1.13
CA ALA A 393 -36.95 -16.97 1.04
C ALA A 393 -36.47 -17.49 2.39
N ILE A 394 -36.65 -16.72 3.46
CA ILE A 394 -36.03 -17.04 4.75
C ILE A 394 -36.52 -18.40 5.24
N GLY A 395 -35.59 -19.30 5.48
CA GLY A 395 -35.91 -20.61 6.03
C GLY A 395 -36.68 -21.52 5.10
N ARG A 396 -36.61 -21.29 3.79
CA ARG A 396 -37.40 -22.08 2.87
C ARG A 396 -36.78 -23.44 2.52
N LYS A 397 -35.54 -23.69 2.94
CA LYS A 397 -34.96 -25.01 2.76
C LYS A 397 -35.43 -25.98 3.84
N HIS A 398 -36.51 -25.66 4.55
CA HIS A 398 -36.92 -26.40 5.75
C HIS A 398 -38.40 -26.79 5.67
N ALA B 17 -9.41 13.85 -3.37
CA ALA B 17 -10.75 13.31 -3.50
C ALA B 17 -11.22 13.46 -4.94
N ASP B 18 -11.11 14.68 -5.51
CA ASP B 18 -11.40 14.81 -6.93
C ASP B 18 -10.12 14.63 -7.74
N PRO B 19 -10.21 14.39 -9.05
CA PRO B 19 -8.98 14.10 -9.81
C PRO B 19 -8.01 15.25 -9.85
N PHE B 20 -8.49 16.49 -9.75
CA PHE B 20 -7.54 17.59 -9.87
C PHE B 20 -6.66 17.72 -8.64
N GLU B 21 -7.00 17.05 -7.53
CA GLU B 21 -6.09 16.96 -6.39
C GLU B 21 -5.35 15.62 -6.34
N SER B 22 -5.97 14.53 -6.80
CA SER B 22 -5.29 13.24 -6.72
C SER B 22 -4.13 13.13 -7.71
N TYR B 23 -4.07 13.98 -8.73
CA TYR B 23 -2.97 13.94 -9.69
C TYR B 23 -2.02 15.10 -9.48
N ASN B 24 -2.13 15.78 -8.34
CA ASN B 24 -1.22 16.83 -7.93
C ASN B 24 -0.13 16.27 -7.05
N PRO B 25 1.15 16.36 -7.43
CA PRO B 25 2.22 15.77 -6.60
C PRO B 25 2.31 16.35 -5.19
N GLU B 26 1.78 17.55 -4.95
CA GLU B 26 1.86 18.17 -3.63
C GLU B 26 0.62 17.93 -2.78
N PHE B 27 -0.37 17.20 -3.30
CA PHE B 27 -1.57 16.84 -2.54
C PHE B 27 -1.19 16.12 -1.25
N PHE B 28 -1.73 16.60 -0.13
CA PHE B 28 -1.24 16.15 1.17
C PHE B 28 -1.45 14.66 1.41
N LEU B 29 -2.41 14.03 0.73
CA LEU B 29 -2.61 12.60 0.92
C LEU B 29 -1.34 11.82 0.56
N TYR B 30 -0.54 12.31 -0.38
CA TYR B 30 0.66 11.56 -0.76
C TYR B 30 1.65 11.46 0.39
N ASP B 31 1.68 12.44 1.28
CA ASP B 31 2.57 12.34 2.44
C ASP B 31 2.01 11.42 3.51
N ILE B 32 0.68 11.30 3.60
CA ILE B 32 0.10 10.37 4.56
C ILE B 32 0.42 8.93 4.15
N PHE B 33 0.27 8.61 2.87
CA PHE B 33 0.58 7.26 2.42
C PHE B 33 2.07 7.00 2.37
N LEU B 34 2.88 8.02 2.05
CA LEU B 34 4.33 7.87 2.13
C LEU B 34 4.76 7.54 3.55
N LYS B 35 4.29 8.31 4.53
CA LYS B 35 4.68 8.08 5.91
C LYS B 35 4.28 6.68 6.37
N PHE B 36 3.17 6.17 5.85
CA PHE B 36 2.71 4.84 6.24
C PHE B 36 3.64 3.75 5.71
N CYS B 37 3.93 3.79 4.41
CA CYS B 37 4.78 2.76 3.81
C CYS B 37 6.21 2.82 4.34
N LEU B 38 6.68 4.02 4.68
CA LEU B 38 8.02 4.14 5.25
C LEU B 38 8.13 3.35 6.55
N LYS B 39 7.10 3.39 7.39
CA LYS B 39 7.21 2.77 8.70
C LYS B 39 6.71 1.33 8.77
N TYR B 40 5.92 0.88 7.78
CA TYR B 40 5.30 -0.43 7.92
C TYR B 40 5.62 -1.42 6.80
N ILE B 41 6.01 -0.97 5.61
CA ILE B 41 6.14 -1.85 4.46
C ILE B 41 7.58 -1.89 4.01
N ASP B 42 8.10 -3.10 3.82
CA ASP B 42 9.43 -3.38 3.29
C ASP B 42 9.79 -2.44 2.14
N GLY B 43 11.06 -2.02 2.11
CA GLY B 43 11.47 -0.99 1.16
C GLY B 43 11.33 -1.42 -0.28
N GLU B 44 11.78 -2.63 -0.61
CA GLU B 44 11.63 -3.10 -1.98
C GLU B 44 10.17 -3.22 -2.36
N ILE B 45 9.30 -3.60 -1.42
CA ILE B 45 7.88 -3.68 -1.73
C ILE B 45 7.31 -2.29 -2.04
N CYS B 46 7.72 -1.27 -1.29
CA CYS B 46 7.20 0.06 -1.56
C CYS B 46 7.66 0.54 -2.93
N HIS B 47 8.91 0.21 -3.28
CA HIS B 47 9.41 0.49 -4.61
C HIS B 47 8.58 -0.22 -5.67
N ASP B 48 8.35 -1.53 -5.49
CA ASP B 48 7.51 -2.25 -6.43
C ASP B 48 6.11 -1.63 -6.49
N LEU B 49 5.55 -1.29 -5.33
CA LEU B 49 4.24 -0.64 -5.29
C LEU B 49 4.25 0.66 -6.09
N PHE B 50 5.29 1.48 -5.91
CA PHE B 50 5.41 2.71 -6.67
C PHE B 50 5.38 2.43 -8.17
N LEU B 51 6.21 1.48 -8.62
CA LEU B 51 6.28 1.16 -10.04
C LEU B 51 4.93 0.70 -10.57
N LEU B 52 4.10 0.11 -9.72
CA LEU B 52 2.79 -0.34 -10.19
C LEU B 52 1.90 0.84 -10.55
N LEU B 53 1.87 1.86 -9.69
CA LEU B 53 1.15 3.10 -10.01
C LEU B 53 1.64 3.68 -11.31
N GLY B 54 2.96 3.73 -11.51
CA GLY B 54 3.49 4.19 -12.78
C GLY B 54 3.03 3.37 -13.96
N LYS B 55 3.04 2.04 -13.81
CA LYS B 55 2.69 1.17 -14.93
C LYS B 55 1.30 1.45 -15.48
N TYR B 56 0.36 1.83 -14.62
CA TYR B 56 -1.02 2.06 -15.06
C TYR B 56 -1.39 3.54 -15.10
N ASN B 57 -0.39 4.43 -15.07
CA ASN B 57 -0.59 5.86 -15.27
C ASN B 57 -1.55 6.45 -14.23
N ILE B 58 -1.31 6.11 -12.97
CA ILE B 58 -2.06 6.74 -11.89
C ILE B 58 -1.09 7.35 -10.88
N LEU B 59 0.10 7.74 -11.35
CA LEU B 59 0.97 8.66 -10.60
C LEU B 59 0.52 10.09 -10.85
N PRO B 60 0.74 11.00 -9.88
CA PRO B 60 0.44 12.41 -10.13
C PRO B 60 1.46 13.01 -11.09
N TYR B 61 1.08 14.12 -11.72
CA TYR B 61 1.97 14.74 -12.69
C TYR B 61 2.04 16.25 -12.49
N ASP B 62 3.13 16.85 -12.96
CA ASP B 62 3.34 18.29 -12.90
C ASP B 62 3.09 18.86 -14.28
N THR B 63 2.03 19.66 -14.42
CA THR B 63 1.64 20.16 -15.73
C THR B 63 2.25 21.52 -16.01
N SER B 64 2.63 22.25 -14.96
CA SER B 64 3.43 23.47 -15.04
C SER B 64 4.55 23.35 -16.07
N ASN B 65 4.80 24.48 -16.75
CA ASN B 65 5.96 24.65 -17.61
C ASN B 65 7.19 25.12 -16.84
N ASP B 66 8.34 24.55 -17.20
CA ASP B 66 9.61 24.82 -16.54
C ASP B 66 10.27 26.10 -17.03
N SER B 67 10.76 26.90 -16.08
CA SER B 67 11.41 28.16 -16.40
C SER B 67 12.71 27.92 -17.15
N ILE B 68 12.89 28.65 -18.27
CA ILE B 68 14.13 28.56 -19.04
C ILE B 68 15.30 29.13 -18.27
N TYR B 69 15.03 29.82 -17.16
CA TYR B 69 16.05 30.34 -16.27
CA TYR B 69 16.12 30.33 -16.35
C TYR B 69 16.88 29.23 -15.61
N ALA B 70 16.35 28.00 -15.58
CA ALA B 70 16.99 26.90 -14.87
C ALA B 70 17.29 25.71 -15.79
N CYS B 71 17.30 25.91 -17.10
CA CYS B 71 17.70 24.82 -17.98
C CYS B 71 19.22 24.66 -17.97
N THR B 72 19.67 23.47 -18.36
CA THR B 72 21.09 23.17 -18.33
C THR B 72 21.42 22.24 -19.50
N ASN B 73 22.70 21.92 -19.62
CA ASN B 73 23.17 21.16 -20.77
C ASN B 73 24.47 20.46 -20.42
N ILE B 74 24.69 19.30 -21.04
CA ILE B 74 25.96 18.61 -21.02
C ILE B 74 26.41 18.49 -22.47
N LYS B 75 27.32 19.38 -22.88
CA LYS B 75 27.71 19.52 -24.28
C LYS B 75 26.42 19.74 -25.08
N HIS B 76 26.14 18.99 -26.13
CA HIS B 76 24.96 19.25 -26.94
C HIS B 76 23.67 18.60 -26.38
N LEU B 77 23.72 18.06 -25.16
CA LEU B 77 22.56 17.39 -24.56
C LEU B 77 21.79 18.38 -23.70
N ASP B 78 20.59 18.77 -24.14
CA ASP B 78 19.85 19.88 -23.56
C ASP B 78 18.75 19.39 -22.62
N PHE B 79 18.91 19.65 -21.31
CA PHE B 79 17.91 19.33 -20.30
C PHE B 79 16.98 20.50 -20.06
N ILE B 80 15.68 20.25 -20.08
CA ILE B 80 14.71 21.31 -19.80
C ILE B 80 14.78 21.78 -18.35
N ASN B 81 15.32 20.98 -17.45
CA ASN B 81 15.55 21.37 -16.06
C ASN B 81 16.64 20.49 -15.49
N PRO B 82 17.21 20.84 -14.33
CA PRO B 82 18.45 20.17 -13.92
C PRO B 82 18.25 18.90 -13.07
N PHE B 83 17.06 18.33 -13.03
CA PHE B 83 16.77 17.26 -12.08
C PHE B 83 16.35 15.99 -12.79
N GLY B 84 17.01 14.88 -12.42
CA GLY B 84 16.65 13.59 -12.94
C GLY B 84 16.67 12.53 -11.87
N VAL B 85 16.23 11.34 -12.25
CA VAL B 85 16.17 10.20 -11.36
C VAL B 85 17.40 9.33 -11.58
N ALA B 86 18.14 9.07 -10.51
CA ALA B 86 19.35 8.28 -10.59
C ALA B 86 19.05 6.83 -11.02
N ALA B 87 20.10 6.13 -11.42
CA ALA B 87 19.97 4.73 -11.80
C ALA B 87 19.50 3.89 -10.61
N GLY B 88 18.90 2.74 -10.92
CA GLY B 88 18.43 1.86 -9.88
C GLY B 88 17.02 2.12 -9.39
N PHE B 89 16.33 3.13 -9.92
CA PHE B 89 14.96 3.40 -9.52
C PHE B 89 13.95 2.77 -10.47
N ASP B 90 14.11 2.99 -11.78
CA ASP B 90 13.42 2.21 -12.78
C ASP B 90 14.45 1.39 -13.53
N LYS B 91 14.99 0.38 -12.84
CA LYS B 91 16.00 -0.49 -13.43
C LYS B 91 15.56 -1.04 -14.78
N ASN B 92 14.32 -1.50 -14.88
CA ASN B 92 13.82 -2.16 -16.08
C ASN B 92 13.06 -1.23 -17.02
N GLY B 93 12.86 0.03 -16.65
CA GLY B 93 12.22 1.00 -17.52
C GLY B 93 10.77 0.69 -17.86
N VAL B 94 9.94 0.43 -16.84
CA VAL B 94 8.56 0.02 -17.04
C VAL B 94 7.56 1.16 -16.85
N CYS B 95 7.96 2.28 -16.26
CA CYS B 95 7.10 3.45 -16.18
C CYS B 95 7.93 4.72 -16.35
N ILE B 96 8.67 4.78 -17.47
CA ILE B 96 9.49 5.95 -17.78
C ILE B 96 8.62 7.20 -17.92
N ASP B 97 7.57 7.11 -18.75
CA ASP B 97 6.62 8.23 -18.92
C ASP B 97 6.16 8.77 -17.57
N SER B 98 5.62 7.87 -16.72
CA SER B 98 5.04 8.29 -15.46
C SER B 98 6.05 8.99 -14.57
N ILE B 99 7.26 8.45 -14.48
CA ILE B 99 8.26 9.02 -13.57
C ILE B 99 8.69 10.40 -14.07
N LEU B 100 8.88 10.53 -15.39
CA LEU B 100 9.24 11.83 -15.93
C LEU B 100 8.17 12.87 -15.62
N LYS B 101 6.90 12.48 -15.73
CA LYS B 101 5.81 13.44 -15.55
C LYS B 101 5.68 13.92 -14.11
N LEU B 102 6.37 13.29 -13.16
CA LEU B 102 6.47 13.86 -11.81
C LEU B 102 7.16 15.22 -11.80
N GLY B 103 7.87 15.57 -12.88
CA GLY B 103 8.52 16.86 -12.99
C GLY B 103 9.97 16.79 -13.38
N PHE B 104 10.50 15.58 -13.56
CA PHE B 104 11.91 15.38 -13.89
C PHE B 104 12.14 15.57 -15.38
N SER B 105 13.37 15.97 -15.72
CA SER B 105 13.76 16.19 -17.11
C SER B 105 14.50 15.01 -17.72
N PHE B 106 14.97 14.07 -16.91
CA PHE B 106 15.56 12.86 -17.45
C PHE B 106 15.51 11.77 -16.39
N ILE B 107 15.69 10.53 -16.85
CA ILE B 107 15.93 9.40 -15.97
C ILE B 107 16.98 8.51 -16.61
N GLU B 108 17.74 7.85 -15.76
CA GLU B 108 18.79 6.91 -16.14
C GLU B 108 18.29 5.51 -15.75
N ILE B 109 17.78 4.76 -16.73
CA ILE B 109 17.32 3.40 -16.45
C ILE B 109 18.52 2.47 -16.25
N GLY B 110 18.26 1.30 -15.70
CA GLY B 110 19.33 0.41 -15.31
C GLY B 110 19.66 0.50 -13.83
N THR B 111 20.78 -0.13 -13.47
CA THR B 111 21.73 -0.73 -14.41
C THR B 111 21.25 -2.09 -14.92
N ILE B 112 21.40 -2.27 -16.23
CA ILE B 112 21.02 -3.51 -16.91
C ILE B 112 22.30 -4.27 -17.27
N THR B 113 22.13 -5.56 -17.43
CA THR B 113 23.19 -6.50 -17.81
C THR B 113 22.70 -7.29 -19.01
N PRO B 114 23.61 -8.01 -19.70
CA PRO B 114 23.16 -8.85 -20.83
C PRO B 114 22.09 -9.86 -20.45
N ARG B 115 22.41 -10.79 -19.56
CA ARG B 115 21.45 -11.78 -19.10
C ARG B 115 20.82 -11.32 -17.78
N GLY B 116 19.52 -11.60 -17.64
CA GLY B 116 18.82 -11.22 -16.42
C GLY B 116 19.33 -11.94 -15.20
N GLN B 117 19.22 -11.26 -14.05
CA GLN B 117 19.64 -11.82 -12.77
C GLN B 117 18.61 -11.48 -11.70
N THR B 118 18.27 -12.49 -10.86
CA THR B 118 17.62 -12.24 -9.57
C THR B 118 18.34 -11.24 -8.70
N GLY B 119 19.64 -11.36 -8.58
CA GLY B 119 20.36 -10.53 -7.64
C GLY B 119 20.59 -11.26 -6.33
N ASN B 120 20.97 -10.48 -5.32
CA ASN B 120 21.26 -11.05 -4.01
C ASN B 120 19.99 -11.37 -3.21
N ALA B 121 20.21 -12.05 -2.08
CA ALA B 121 19.10 -12.49 -1.23
C ALA B 121 18.35 -11.29 -0.66
N LYS B 122 17.08 -11.51 -0.33
CA LYS B 122 16.18 -10.51 0.25
C LYS B 122 16.03 -10.74 1.75
N PRO B 123 15.81 -9.67 2.55
CA PRO B 123 15.72 -8.29 2.08
C PRO B 123 17.08 -7.69 1.78
N ARG B 124 17.13 -6.76 0.85
CA ARG B 124 18.39 -6.16 0.44
C ARG B 124 18.32 -4.64 0.43
N ILE B 125 17.22 -4.05 0.90
CA ILE B 125 17.06 -2.60 0.98
C ILE B 125 16.56 -2.27 2.38
N PHE B 126 17.21 -1.32 3.04
CA PHE B 126 16.84 -0.93 4.38
C PHE B 126 16.96 0.59 4.51
N ARG B 127 16.09 1.15 5.34
CA ARG B 127 15.96 2.60 5.46
C ARG B 127 16.18 3.02 6.91
N ASP B 128 16.64 4.26 7.06
CA ASP B 128 16.71 4.93 8.37
C ASP B 128 16.12 6.32 8.17
N VAL B 129 14.85 6.48 8.58
CA VAL B 129 14.11 7.70 8.26
C VAL B 129 14.72 8.90 8.96
N GLU B 130 15.16 8.75 10.21
CA GLU B 130 15.70 9.88 10.96
C GLU B 130 16.85 10.56 10.22
N SER B 131 17.79 9.77 9.71
CA SER B 131 18.95 10.32 9.01
C SER B 131 18.75 10.41 7.51
N ARG B 132 17.59 9.99 7.00
CA ARG B 132 17.28 10.04 5.59
C ARG B 132 18.37 9.32 4.78
N SER B 133 18.63 8.08 5.18
CA SER B 133 19.64 7.28 4.51
C SER B 133 19.09 5.91 4.14
N ILE B 134 19.67 5.34 3.08
CA ILE B 134 19.32 4.02 2.60
C ILE B 134 20.60 3.22 2.46
N ILE B 135 20.54 1.95 2.81
CA ILE B 135 21.58 1.00 2.47
C ILE B 135 20.93 -0.08 1.63
N ASN B 136 21.70 -0.61 0.68
CA ASN B 136 21.15 -1.58 -0.26
C ASN B 136 22.24 -2.53 -0.71
N SER B 137 21.82 -3.71 -1.12
CA SER B 137 22.73 -4.75 -1.59
C SER B 137 22.05 -5.57 -2.68
N CYS B 138 21.41 -4.90 -3.65
CA CYS B 138 20.58 -5.61 -4.62
C CYS B 138 21.40 -6.57 -5.46
N GLY B 139 22.60 -6.16 -5.85
CA GLY B 139 23.45 -6.99 -6.69
C GLY B 139 22.97 -7.04 -8.14
N PHE B 140 22.56 -5.91 -8.69
CA PHE B 140 22.17 -5.78 -10.09
C PHE B 140 21.07 -6.78 -10.48
N ASN B 141 19.96 -6.68 -9.75
CA ASN B 141 18.75 -7.36 -10.20
C ASN B 141 18.15 -6.60 -11.38
N ASN B 142 17.91 -7.29 -12.48
CA ASN B 142 17.29 -6.67 -13.65
C ASN B 142 16.87 -7.77 -14.61
N MET B 143 15.96 -7.42 -15.51
CA MET B 143 15.39 -8.39 -16.43
C MET B 143 16.34 -8.76 -17.56
N GLY B 144 17.41 -8.00 -17.75
CA GLY B 144 18.32 -8.26 -18.83
C GLY B 144 18.18 -7.24 -19.95
N CYS B 145 19.23 -7.10 -20.74
CA CYS B 145 19.24 -6.09 -21.77
C CYS B 145 18.15 -6.33 -22.81
N ASP B 146 17.85 -7.59 -23.12
CA ASP B 146 16.84 -7.88 -24.13
C ASP B 146 15.46 -7.35 -23.72
N LYS B 147 15.00 -7.70 -22.52
CA LYS B 147 13.65 -7.28 -22.12
C LYS B 147 13.58 -5.77 -21.90
N VAL B 148 14.61 -5.18 -21.27
CA VAL B 148 14.59 -3.75 -20.98
C VAL B 148 14.61 -2.94 -22.27
N THR B 149 15.36 -3.40 -23.27
CA THR B 149 15.38 -2.72 -24.56
C THR B 149 13.97 -2.62 -25.14
N GLU B 150 13.23 -3.73 -25.13
CA GLU B 150 11.86 -3.69 -25.65
C GLU B 150 11.03 -2.63 -24.94
N ASN B 151 11.21 -2.46 -23.63
CA ASN B 151 10.47 -1.43 -22.90
C ASN B 151 10.87 -0.03 -23.35
N LEU B 152 12.16 0.20 -23.58
CA LEU B 152 12.60 1.53 -23.99
C LEU B 152 12.11 1.88 -25.39
N ILE B 153 12.15 0.91 -26.32
CA ILE B 153 11.65 1.18 -27.66
C ILE B 153 10.20 1.64 -27.61
N LEU B 154 9.40 1.02 -26.75
CA LEU B 154 8.00 1.40 -26.72
C LEU B 154 7.81 2.77 -26.10
N PHE B 155 8.66 3.17 -25.16
CA PHE B 155 8.61 4.55 -24.68
C PHE B 155 8.97 5.50 -25.80
N ARG B 156 10.00 5.16 -26.57
CA ARG B 156 10.39 6.00 -27.70
C ARG B 156 9.26 6.15 -28.71
N LYS B 157 8.49 5.08 -28.94
CA LYS B 157 7.42 5.17 -29.93
C LYS B 157 6.20 5.91 -29.37
N ARG B 158 5.96 5.86 -28.06
CA ARG B 158 4.96 6.75 -27.48
C ARG B 158 5.47 8.19 -27.44
N GLN B 159 6.79 8.36 -27.24
CA GLN B 159 7.38 9.69 -27.34
C GLN B 159 7.21 10.29 -28.73
N GLU B 160 7.22 9.43 -29.76
CA GLU B 160 7.05 9.92 -31.12
C GLU B 160 5.71 10.62 -31.31
N GLU B 161 4.72 10.28 -30.48
CA GLU B 161 3.37 10.79 -30.66
C GLU B 161 2.87 11.69 -29.53
N ASP B 162 3.63 11.87 -28.45
CA ASP B 162 3.28 12.82 -27.40
C ASP B 162 4.29 13.97 -27.40
N LYS B 163 3.80 15.19 -27.58
CA LYS B 163 4.67 16.37 -27.61
C LYS B 163 5.19 16.75 -26.23
N LEU B 164 4.46 16.38 -25.17
CA LEU B 164 4.82 16.78 -23.81
C LEU B 164 6.10 16.10 -23.33
N LEU B 165 6.49 14.98 -23.93
CA LEU B 165 7.70 14.26 -23.54
C LEU B 165 8.84 14.43 -24.54
N SER B 166 8.62 15.16 -25.64
CA SER B 166 9.54 15.16 -26.78
C SER B 166 10.92 15.72 -26.46
N LYS B 167 11.08 16.47 -25.37
CA LYS B 167 12.37 17.06 -25.03
C LYS B 167 12.98 16.46 -23.76
N HIS B 168 12.41 15.38 -23.24
CA HIS B 168 12.95 14.72 -22.06
C HIS B 168 14.04 13.72 -22.45
N ILE B 169 14.98 13.49 -21.53
CA ILE B 169 16.18 12.69 -21.80
C ILE B 169 16.04 11.35 -21.10
N VAL B 170 16.51 10.29 -21.74
CA VAL B 170 16.56 8.95 -21.16
C VAL B 170 17.95 8.38 -21.36
N GLY B 171 18.65 8.13 -20.26
CA GLY B 171 19.91 7.43 -20.29
C GLY B 171 19.76 5.95 -19.95
N VAL B 172 20.83 5.21 -20.24
CA VAL B 172 20.90 3.78 -19.97
C VAL B 172 22.22 3.52 -19.24
N SER B 173 22.15 2.85 -18.09
CA SER B 173 23.32 2.49 -17.30
C SER B 173 23.63 1.02 -17.54
N ILE B 174 24.89 0.73 -17.86
CA ILE B 174 25.30 -0.57 -18.37
C ILE B 174 26.26 -1.22 -17.39
N GLY B 175 26.11 -2.52 -17.21
CA GLY B 175 27.02 -3.26 -16.37
C GLY B 175 27.26 -4.67 -16.88
N LYS B 176 27.86 -5.51 -16.05
CA LYS B 176 28.19 -6.88 -16.43
C LYS B 176 27.39 -7.85 -15.57
N ASN B 177 27.14 -9.04 -16.13
CA ASN B 177 26.54 -10.11 -15.35
C ASN B 177 27.50 -10.55 -14.25
N LYS B 178 26.94 -11.00 -13.12
CA LYS B 178 27.75 -11.37 -11.97
C LYS B 178 28.82 -12.38 -12.34
N ASP B 179 28.44 -13.44 -13.04
CA ASP B 179 29.38 -14.49 -13.43
C ASP B 179 29.85 -14.26 -14.87
N THR B 180 30.65 -13.20 -15.03
CA THR B 180 31.20 -12.85 -16.33
C THR B 180 32.67 -12.48 -16.18
N VAL B 181 33.48 -12.91 -17.15
CA VAL B 181 34.92 -12.75 -17.13
C VAL B 181 35.36 -11.50 -17.88
N ASN B 182 34.91 -11.32 -19.12
CA ASN B 182 35.32 -10.18 -19.93
C ASN B 182 34.20 -9.15 -19.97
N ILE B 183 34.46 -7.99 -19.37
CA ILE B 183 33.44 -6.97 -19.21
C ILE B 183 33.18 -6.25 -20.53
N VAL B 184 34.20 -6.13 -21.38
CA VAL B 184 34.05 -5.44 -22.66
C VAL B 184 32.97 -6.13 -23.50
N ASP B 185 32.97 -7.46 -23.51
CA ASP B 185 32.00 -8.20 -24.31
C ASP B 185 30.58 -7.92 -23.85
N ASP B 186 30.37 -7.79 -22.53
CA ASP B 186 29.03 -7.59 -22.00
C ASP B 186 28.55 -6.17 -22.23
N LEU B 187 29.43 -5.18 -22.05
CA LEU B 187 29.04 -3.82 -22.38
C LEU B 187 28.79 -3.67 -23.88
N LYS B 188 29.59 -4.35 -24.70
CA LYS B 188 29.36 -4.32 -26.15
C LYS B 188 28.01 -4.93 -26.50
N TYR B 189 27.67 -6.06 -25.84
CA TYR B 189 26.39 -6.71 -26.12
C TYR B 189 25.22 -5.76 -25.84
N CYS B 190 25.35 -4.89 -24.84
CA CYS B 190 24.24 -4.02 -24.46
C CYS B 190 24.07 -2.86 -25.42
N ILE B 191 25.17 -2.30 -25.91
CA ILE B 191 25.08 -1.17 -26.83
C ILE B 191 24.57 -1.63 -28.19
N ASN B 192 24.97 -2.83 -28.62
CA ASN B 192 24.48 -3.35 -29.88
C ASN B 192 22.98 -3.60 -29.84
N LYS B 193 22.41 -3.74 -28.66
CA LYS B 193 20.97 -3.93 -28.51
C LYS B 193 20.24 -2.63 -28.22
N ILE B 194 20.74 -1.81 -27.30
CA ILE B 194 19.98 -0.68 -26.78
C ILE B 194 20.57 0.69 -27.13
N GLY B 195 21.80 0.74 -27.66
CA GLY B 195 22.46 2.02 -27.83
C GLY B 195 21.72 3.00 -28.74
N ARG B 196 21.02 2.49 -29.75
CA ARG B 196 20.34 3.37 -30.71
C ARG B 196 19.18 4.14 -30.09
N TYR B 197 18.70 3.72 -28.92
CA TYR B 197 17.55 4.34 -28.28
C TYR B 197 17.91 5.13 -27.04
N ALA B 198 19.20 5.26 -26.72
CA ALA B 198 19.66 5.97 -25.55
C ALA B 198 20.17 7.36 -25.93
N ASP B 199 19.85 8.36 -25.10
CA ASP B 199 20.48 9.66 -25.23
C ASP B 199 21.87 9.66 -24.62
N TYR B 200 22.13 8.78 -23.66
CA TYR B 200 23.48 8.61 -23.16
C TYR B 200 23.60 7.25 -22.48
N ILE B 201 24.85 6.80 -22.34
CA ILE B 201 25.19 5.51 -21.74
C ILE B 201 26.01 5.77 -20.49
N ALA B 202 25.62 5.15 -19.38
CA ALA B 202 26.36 5.23 -18.12
C ALA B 202 27.10 3.93 -17.90
N ILE B 203 28.43 4.01 -17.83
CA ILE B 203 29.25 2.84 -17.53
C ILE B 203 29.36 2.70 -16.03
N ASN B 204 28.89 1.57 -15.50
CA ASN B 204 28.82 1.34 -14.07
C ASN B 204 30.03 0.55 -13.60
N VAL B 205 31.06 1.29 -13.18
CA VAL B 205 32.13 0.77 -12.33
C VAL B 205 31.92 1.24 -10.90
N SER B 206 30.78 1.91 -10.66
CA SER B 206 30.46 2.50 -9.36
C SER B 206 30.14 1.45 -8.28
N SER B 207 29.27 0.51 -8.60
CA SER B 207 28.52 -0.25 -7.59
C SER B 207 29.43 -1.00 -6.61
N PRO B 208 29.04 -1.08 -5.34
CA PRO B 208 29.73 -1.94 -4.37
C PRO B 208 29.15 -3.35 -4.24
N ASN B 209 28.07 -3.68 -4.97
CA ASN B 209 27.36 -4.93 -4.78
C ASN B 209 27.67 -5.99 -5.83
N THR B 210 28.56 -5.69 -6.79
CA THR B 210 29.05 -6.70 -7.72
C THR B 210 30.49 -7.02 -7.36
N PRO B 211 30.79 -8.27 -6.94
CA PRO B 211 32.14 -8.58 -6.42
C PRO B 211 33.29 -8.04 -7.24
N GLY B 212 34.11 -7.18 -6.60
CA GLY B 212 35.31 -6.67 -7.24
C GLY B 212 35.07 -5.91 -8.52
N LEU B 213 33.94 -5.20 -8.63
CA LEU B 213 33.69 -4.38 -9.80
C LEU B 213 34.00 -2.91 -9.57
N ARG B 214 34.07 -2.48 -8.31
CA ARG B 214 34.63 -1.17 -8.02
C ARG B 214 36.15 -1.17 -8.11
N ASP B 215 36.77 -2.35 -8.29
CA ASP B 215 38.18 -2.47 -8.60
C ASP B 215 38.46 -2.43 -10.09
N ASN B 216 37.43 -2.48 -10.93
CA ASN B 216 37.57 -2.37 -12.37
C ASN B 216 37.69 -0.91 -12.84
N GLN B 217 37.79 0.03 -11.91
CA GLN B 217 38.13 1.41 -12.22
C GLN B 217 39.60 1.71 -11.94
N GLU B 218 40.44 0.68 -11.82
CA GLU B 218 41.88 0.88 -11.89
C GLU B 218 42.24 1.43 -13.26
N ALA B 219 43.18 2.37 -13.28
CA ALA B 219 43.46 3.16 -14.48
C ALA B 219 43.70 2.28 -15.71
N GLY B 220 44.44 1.19 -15.54
CA GLY B 220 44.69 0.30 -16.66
C GLY B 220 43.44 -0.25 -17.29
N LYS B 221 42.58 -0.90 -16.50
CA LYS B 221 41.38 -1.51 -17.05
C LYS B 221 40.39 -0.45 -17.51
N LEU B 222 40.17 0.58 -16.68
CA LEU B 222 39.15 1.59 -16.96
C LEU B 222 39.36 2.25 -18.32
N LYS B 223 40.62 2.46 -18.70
CA LYS B 223 40.91 3.06 -20.01
C LYS B 223 40.43 2.14 -21.12
N ASN B 224 40.82 0.86 -21.05
CA ASN B 224 40.38 -0.09 -22.07
C ASN B 224 38.86 -0.17 -22.12
N ILE B 225 38.21 -0.06 -20.95
CA ILE B 225 36.75 -0.15 -20.92
C ILE B 225 36.13 1.02 -21.67
N ILE B 226 36.57 2.25 -21.37
CA ILE B 226 35.97 3.42 -21.99
C ILE B 226 36.21 3.38 -23.49
N LEU B 227 37.44 3.08 -23.91
CA LEU B 227 37.73 3.00 -25.34
C LEU B 227 36.89 1.92 -26.00
N SER B 228 36.70 0.79 -25.30
CA SER B 228 35.81 -0.25 -25.81
C SER B 228 34.42 0.28 -26.07
N VAL B 229 33.82 0.94 -25.08
CA VAL B 229 32.45 1.44 -25.20
C VAL B 229 32.34 2.46 -26.33
N LYS B 230 33.27 3.43 -26.36
CA LYS B 230 33.25 4.42 -27.44
C LYS B 230 33.45 3.77 -28.80
N GLU B 231 34.40 2.84 -28.91
CA GLU B 231 34.63 2.16 -30.18
C GLU B 231 33.38 1.42 -30.64
N GLU B 232 32.72 0.70 -29.72
CA GLU B 232 31.54 -0.07 -30.10
C GLU B 232 30.37 0.85 -30.42
N ILE B 233 30.23 1.94 -29.68
CA ILE B 233 29.13 2.87 -29.94
C ILE B 233 29.31 3.54 -31.30
N ASP B 234 30.53 3.97 -31.61
CA ASP B 234 30.75 4.67 -32.87
C ASP B 234 30.59 3.75 -34.09
N ASN B 235 30.66 2.44 -33.90
CA ASN B 235 30.53 1.52 -35.03
C ASN B 235 29.10 1.36 -35.50
N LEU B 236 28.12 1.82 -34.72
CA LEU B 236 26.72 1.73 -35.13
C LEU B 236 26.44 2.63 -36.33
N PHE B 246 16.19 7.27 -39.89
CA PHE B 246 17.15 7.85 -38.96
C PHE B 246 17.70 6.79 -38.01
N LEU B 247 19.02 6.77 -37.86
CA LEU B 247 19.68 5.77 -37.04
C LEU B 247 19.31 5.92 -35.56
N TRP B 248 19.23 7.16 -35.08
CA TRP B 248 19.10 7.46 -33.64
C TRP B 248 17.65 7.73 -33.27
N PHE B 249 17.01 6.73 -32.67
CA PHE B 249 15.61 6.82 -32.26
C PHE B 249 15.51 7.24 -30.80
N ASN B 250 16.01 8.44 -30.52
CA ASN B 250 16.07 8.94 -29.15
C ASN B 250 15.69 10.42 -29.18
N THR B 251 15.98 11.13 -28.09
CA THR B 251 15.73 12.56 -28.04
C THR B 251 16.81 13.34 -28.76
N THR B 252 18.08 13.04 -28.47
CA THR B 252 19.18 13.68 -29.15
C THR B 252 19.03 13.61 -30.66
N LYS B 253 18.57 12.46 -31.16
CA LYS B 253 18.67 12.11 -32.58
C LYS B 253 20.13 12.08 -33.02
N LYS B 254 21.03 11.99 -32.05
CA LYS B 254 22.47 11.88 -32.24
C LYS B 254 22.97 10.66 -31.49
N LYS B 255 24.24 10.32 -31.72
CA LYS B 255 24.85 9.22 -30.99
C LYS B 255 24.82 9.51 -29.48
N PRO B 256 24.60 8.49 -28.65
CA PRO B 256 24.58 8.74 -27.20
C PRO B 256 25.94 9.20 -26.70
N LEU B 257 25.92 10.11 -25.73
CA LEU B 257 27.15 10.48 -25.05
C LEU B 257 27.49 9.43 -23.99
N VAL B 258 28.77 9.41 -23.61
CA VAL B 258 29.29 8.37 -22.73
C VAL B 258 29.65 8.99 -21.38
N PHE B 259 29.04 8.47 -20.31
CA PHE B 259 29.33 8.86 -18.94
C PHE B 259 29.93 7.70 -18.16
N VAL B 260 30.56 8.04 -17.03
CA VAL B 260 31.08 7.07 -16.08
C VAL B 260 30.61 7.47 -14.70
N LYS B 261 30.14 6.49 -13.93
CA LYS B 261 29.70 6.70 -12.57
C LYS B 261 30.78 6.15 -11.62
N LEU B 262 31.29 7.02 -10.75
CA LEU B 262 32.44 6.65 -9.93
C LEU B 262 32.00 6.36 -8.49
N ALA B 263 32.69 5.41 -7.88
CA ALA B 263 32.42 5.14 -6.48
C ALA B 263 33.17 6.15 -5.62
N PRO B 264 32.56 6.63 -4.53
CA PRO B 264 33.22 7.67 -3.72
C PRO B 264 34.36 7.15 -2.85
N ASP B 265 34.61 5.84 -2.82
CA ASP B 265 35.60 5.26 -1.91
C ASP B 265 36.92 5.01 -2.65
N LEU B 266 37.60 6.11 -2.97
CA LEU B 266 38.92 6.09 -3.57
C LEU B 266 39.82 7.06 -2.81
N ASN B 267 41.12 6.80 -2.82
CA ASN B 267 42.02 7.73 -2.14
C ASN B 267 42.44 8.84 -3.09
N GLN B 268 43.23 9.78 -2.59
CA GLN B 268 43.62 10.91 -3.41
C GLN B 268 44.39 10.45 -4.65
N GLU B 269 45.25 9.43 -4.49
CA GLU B 269 46.08 8.97 -5.61
C GLU B 269 45.22 8.33 -6.71
N GLN B 270 44.29 7.46 -6.32
CA GLN B 270 43.40 6.81 -7.30
C GLN B 270 42.54 7.82 -8.03
N LYS B 271 42.13 8.89 -7.36
CA LYS B 271 41.25 9.89 -7.98
C LYS B 271 41.96 10.66 -9.10
N LYS B 272 43.21 11.06 -8.86
CA LYS B 272 43.95 11.80 -9.88
C LYS B 272 44.27 10.92 -11.08
N GLU B 273 44.46 9.62 -10.85
CA GLU B 273 44.75 8.70 -11.95
C GLU B 273 43.53 8.54 -12.86
N ILE B 274 42.36 8.35 -12.26
CA ILE B 274 41.13 8.19 -13.05
C ILE B 274 40.84 9.46 -13.84
N ALA B 275 41.11 10.63 -13.25
CA ALA B 275 40.90 11.88 -13.96
C ALA B 275 41.72 11.96 -15.23
N ASP B 276 42.97 11.48 -15.18
CA ASP B 276 43.81 11.45 -16.38
C ASP B 276 43.17 10.64 -17.50
N VAL B 277 42.58 9.49 -17.16
CA VAL B 277 42.00 8.60 -18.17
C VAL B 277 40.82 9.27 -18.87
N LEU B 278 39.91 9.84 -18.10
CA LEU B 278 38.72 10.40 -18.72
C LEU B 278 39.05 11.66 -19.52
N LEU B 279 40.19 12.27 -19.26
CA LEU B 279 40.70 13.31 -20.15
C LEU B 279 41.28 12.69 -21.42
N GLU B 280 42.13 11.67 -21.27
CA GLU B 280 42.71 11.00 -22.43
C GLU B 280 41.62 10.38 -23.29
N THR B 281 40.70 9.62 -22.67
CA THR B 281 39.67 8.88 -23.39
C THR B 281 38.56 9.75 -23.95
N ASN B 282 38.53 11.05 -23.61
CA ASN B 282 37.55 11.98 -24.18
C ASN B 282 36.13 11.64 -23.73
N ILE B 283 35.98 11.39 -22.42
CA ILE B 283 34.66 11.13 -21.85
C ILE B 283 33.79 12.38 -21.93
N ASP B 284 32.48 12.18 -21.96
CA ASP B 284 31.53 13.29 -22.06
C ASP B 284 31.03 13.79 -20.70
N GLY B 285 31.15 12.99 -19.65
CA GLY B 285 30.74 13.44 -18.33
C GLY B 285 30.97 12.34 -17.31
N MET B 286 30.87 12.72 -16.04
CA MET B 286 31.04 11.78 -14.95
C MET B 286 29.94 11.94 -13.92
N ILE B 287 29.44 10.81 -13.44
CA ILE B 287 28.37 10.80 -12.45
C ILE B 287 29.00 10.60 -11.08
N ILE B 288 28.86 11.60 -10.22
CA ILE B 288 29.47 11.65 -8.91
C ILE B 288 28.34 11.93 -7.93
N SER B 289 27.99 10.94 -7.10
CA SER B 289 28.71 9.67 -6.95
C SER B 289 27.75 8.47 -6.77
N ASN B 290 28.30 7.26 -6.73
CA ASN B 290 27.53 6.12 -6.27
C ASN B 290 27.55 6.06 -4.75
N THR B 291 27.04 4.96 -4.19
CA THR B 291 26.93 4.83 -2.74
C THR B 291 28.29 4.51 -2.13
N THR B 292 28.38 4.73 -0.82
CA THR B 292 29.64 4.59 -0.09
C THR B 292 29.54 3.46 0.92
N THR B 293 30.70 2.86 1.22
CA THR B 293 30.81 1.87 2.28
C THR B 293 31.50 2.41 3.51
N GLN B 294 31.84 3.70 3.53
CA GLN B 294 32.66 4.28 4.59
C GLN B 294 31.84 4.86 5.74
N ILE B 295 30.52 4.84 5.65
CA ILE B 295 29.68 5.35 6.73
C ILE B 295 29.31 4.21 7.66
N ASN B 296 29.62 4.37 8.95
CA ASN B 296 29.39 3.29 9.91
C ASN B 296 28.74 3.78 11.21
N ASP B 297 28.11 4.96 11.21
CA ASP B 297 27.47 5.50 12.40
C ASP B 297 25.95 5.61 12.27
N ILE B 298 25.33 4.70 11.54
CA ILE B 298 23.87 4.55 11.49
C ILE B 298 23.54 3.34 12.37
N LYS B 299 22.87 3.56 13.49
CA LYS B 299 22.69 2.47 14.45
C LYS B 299 21.84 1.37 13.85
N SER B 300 20.84 1.73 13.03
CA SER B 300 19.94 0.73 12.48
C SER B 300 20.60 -0.14 11.41
N PHE B 301 21.72 0.29 10.85
CA PHE B 301 22.43 -0.48 9.83
C PHE B 301 23.52 -1.36 10.41
N GLU B 302 23.41 -1.73 11.70
CA GLU B 302 24.49 -2.44 12.38
C GLU B 302 24.89 -3.72 11.66
N ASN B 303 23.96 -4.66 11.56
CA ASN B 303 24.27 -5.98 11.00
C ASN B 303 24.03 -6.06 9.50
N LYS B 304 23.68 -4.97 8.84
CA LYS B 304 23.39 -4.98 7.41
C LYS B 304 24.64 -4.67 6.60
N LYS B 305 24.66 -5.16 5.36
CA LYS B 305 25.78 -4.98 4.44
C LYS B 305 25.30 -4.28 3.18
N GLY B 306 26.22 -3.54 2.53
CA GLY B 306 25.94 -2.88 1.27
C GLY B 306 26.40 -1.44 1.28
N GLY B 307 25.92 -0.67 0.31
CA GLY B 307 26.30 0.72 0.15
C GLY B 307 25.22 1.68 0.68
N VAL B 308 25.68 2.78 1.27
CA VAL B 308 24.79 3.74 1.92
C VAL B 308 24.52 4.91 0.98
N SER B 309 23.25 5.31 0.87
CA SER B 309 22.79 6.45 0.10
C SER B 309 22.18 7.47 1.06
N GLY B 310 21.78 8.61 0.50
CA GLY B 310 21.00 9.57 1.25
C GLY B 310 21.77 10.72 1.88
N ALA B 311 21.20 11.27 2.94
CA ALA B 311 21.68 12.54 3.50
C ALA B 311 23.10 12.44 4.04
N LYS B 312 23.49 11.29 4.58
CA LYS B 312 24.84 11.22 5.14
C LYS B 312 25.90 11.03 4.07
N LEU B 313 25.51 10.92 2.80
CA LEU B 313 26.44 10.82 1.70
C LEU B 313 26.70 12.16 1.03
N LYS B 314 25.91 13.18 1.35
CA LYS B 314 25.94 14.45 0.62
C LYS B 314 27.31 15.11 0.70
N ASP B 315 27.83 15.30 1.91
CA ASP B 315 29.13 15.97 2.05
C ASP B 315 30.23 15.18 1.36
N ILE B 316 30.25 13.87 1.55
CA ILE B 316 31.18 12.99 0.84
C ILE B 316 31.12 13.23 -0.67
N SER B 317 29.96 12.94 -1.29
CA SER B 317 29.83 13.07 -2.74
C SER B 317 30.20 14.49 -3.21
N THR B 318 29.84 15.50 -2.42
CA THR B 318 30.11 16.88 -2.82
C THR B 318 31.60 17.19 -2.86
N LYS B 319 32.34 16.75 -1.84
CA LYS B 319 33.79 16.96 -1.87
C LYS B 319 34.43 16.16 -3.00
N PHE B 320 33.87 14.99 -3.31
CA PHE B 320 34.30 14.24 -4.47
C PHE B 320 34.15 15.04 -5.76
N ILE B 321 33.08 15.83 -5.86
CA ILE B 321 32.87 16.67 -7.04
C ILE B 321 33.96 17.73 -7.15
N CYS B 322 34.29 18.40 -6.03
CA CYS B 322 35.27 19.48 -6.12
C CYS B 322 36.64 18.95 -6.51
N GLU B 323 37.01 17.77 -6.02
CA GLU B 323 38.29 17.19 -6.38
C GLU B 323 38.32 16.79 -7.85
N MET B 324 37.25 16.16 -8.34
CA MET B 324 37.22 15.72 -9.72
C MET B 324 37.10 16.89 -10.68
N TYR B 325 36.36 17.93 -10.31
CA TYR B 325 36.35 19.16 -11.10
C TYR B 325 37.75 19.78 -11.15
N ASN B 326 38.52 19.66 -10.07
CA ASN B 326 39.86 20.21 -10.06
C ASN B 326 40.82 19.33 -10.84
N TYR B 327 40.75 18.01 -10.63
CA TYR B 327 41.68 17.13 -11.32
C TYR B 327 41.40 17.08 -12.82
N THR B 328 40.18 17.41 -13.24
CA THR B 328 39.87 17.44 -14.66
C THR B 328 39.91 18.86 -15.22
N ASN B 329 40.43 19.83 -14.46
CA ASN B 329 40.59 21.20 -14.94
C ASN B 329 39.30 21.72 -15.59
N LYS B 330 38.17 21.41 -14.97
CA LYS B 330 36.84 21.82 -15.42
C LYS B 330 36.52 21.37 -16.85
N GLN B 331 37.21 20.35 -17.36
CA GLN B 331 37.04 19.93 -18.74
C GLN B 331 35.89 18.96 -18.97
N ILE B 332 35.45 18.25 -17.95
CA ILE B 332 34.46 17.19 -18.07
C ILE B 332 33.24 17.55 -17.23
N PRO B 333 32.06 17.73 -17.83
CA PRO B 333 30.87 18.06 -17.04
C PRO B 333 30.53 16.96 -16.05
N ILE B 334 29.76 17.33 -15.04
CA ILE B 334 29.49 16.46 -13.90
C ILE B 334 28.00 16.28 -13.74
N ILE B 335 27.58 15.02 -13.61
CA ILE B 335 26.24 14.68 -13.15
C ILE B 335 26.34 14.42 -11.66
N ALA B 336 25.60 15.17 -10.85
CA ALA B 336 25.66 15.01 -9.40
C ALA B 336 24.70 13.94 -8.93
N SER B 337 25.16 13.11 -7.99
CA SER B 337 24.27 12.16 -7.33
C SER B 337 24.79 11.94 -5.91
N GLY B 338 23.89 12.03 -4.93
CA GLY B 338 24.25 11.76 -3.55
C GLY B 338 23.77 12.77 -2.52
N GLY B 339 22.67 12.45 -1.84
CA GLY B 339 22.21 13.28 -0.73
C GLY B 339 21.54 14.58 -1.11
N ILE B 340 20.89 14.64 -2.26
CA ILE B 340 20.22 15.85 -2.73
C ILE B 340 18.75 15.79 -2.34
N PHE B 341 18.34 16.63 -1.39
CA PHE B 341 16.94 16.73 -0.97
C PHE B 341 16.34 18.12 -1.16
N SER B 342 17.08 19.18 -0.87
CA SER B 342 16.56 20.53 -0.91
C SER B 342 17.16 21.31 -2.07
N GLY B 343 16.58 22.48 -2.34
CA GLY B 343 17.16 23.38 -3.32
C GLY B 343 18.56 23.83 -2.96
N LEU B 344 18.86 23.96 -1.67
CA LEU B 344 20.22 24.39 -1.32
C LEU B 344 21.19 23.23 -1.42
N ASP B 345 20.73 22.00 -1.20
CA ASP B 345 21.57 20.85 -1.52
C ASP B 345 22.00 20.91 -2.98
N ALA B 346 21.05 21.21 -3.88
CA ALA B 346 21.35 21.27 -5.31
C ALA B 346 22.33 22.37 -5.62
N LEU B 347 22.11 23.57 -5.06
CA LEU B 347 23.01 24.68 -5.34
C LEU B 347 24.43 24.37 -4.91
N GLU B 348 24.60 23.57 -3.86
CA GLU B 348 25.94 23.15 -3.45
C GLU B 348 26.60 22.33 -4.55
N LYS B 349 25.88 21.36 -5.10
CA LYS B 349 26.41 20.51 -6.16
C LYS B 349 26.78 21.35 -7.38
N ILE B 350 25.83 22.16 -7.85
CA ILE B 350 26.08 22.98 -9.04
C ILE B 350 27.26 23.90 -8.81
N GLU B 351 27.26 24.62 -7.67
CA GLU B 351 28.37 25.52 -7.36
C GLU B 351 29.69 24.77 -7.17
N ALA B 352 29.62 23.45 -6.95
CA ALA B 352 30.83 22.63 -6.82
C ALA B 352 31.35 22.11 -8.14
N GLY B 353 30.52 22.11 -9.19
CA GLY B 353 30.98 21.66 -10.49
C GLY B 353 29.98 20.84 -11.28
N ALA B 354 28.83 20.54 -10.71
CA ALA B 354 27.84 19.72 -11.40
C ALA B 354 27.03 20.58 -12.35
N SER B 355 26.75 20.03 -13.53
CA SER B 355 25.88 20.67 -14.52
C SER B 355 24.45 20.19 -14.40
N VAL B 356 24.21 19.13 -13.62
CA VAL B 356 22.88 18.52 -13.52
C VAL B 356 22.89 17.62 -12.30
N CYS B 357 21.70 17.36 -11.75
CA CYS B 357 21.57 16.61 -10.50
C CYS B 357 20.66 15.41 -10.68
N GLN B 358 20.80 14.44 -9.77
CA GLN B 358 20.15 13.15 -9.90
C GLN B 358 19.58 12.78 -8.54
N LEU B 359 18.29 12.52 -8.48
CA LEU B 359 17.66 12.18 -7.20
C LEU B 359 17.43 10.69 -7.09
N TYR B 360 17.66 10.16 -5.89
CA TYR B 360 17.19 8.82 -5.54
C TYR B 360 16.50 8.85 -4.19
N SER B 361 17.31 8.97 -3.12
CA SER B 361 16.79 8.93 -1.76
C SER B 361 15.79 10.05 -1.48
N CYS B 362 15.76 11.09 -2.30
CA CYS B 362 14.77 12.13 -2.11
C CYS B 362 13.39 11.64 -2.50
N LEU B 363 13.30 10.77 -3.50
CA LEU B 363 12.02 10.17 -3.84
C LEU B 363 11.53 9.25 -2.74
N VAL B 364 12.45 8.51 -2.11
CA VAL B 364 12.06 7.55 -1.08
C VAL B 364 11.48 8.26 0.13
N PHE B 365 12.11 9.34 0.58
CA PHE B 365 11.70 9.99 1.81
C PHE B 365 10.80 11.20 1.60
N ASN B 366 10.84 11.85 0.43
CA ASN B 366 9.99 13.00 0.17
C ASN B 366 8.83 12.72 -0.77
N GLY B 367 8.88 11.63 -1.53
CA GLY B 367 7.70 11.18 -2.23
C GLY B 367 7.45 11.87 -3.57
N MET B 368 6.16 11.96 -3.91
CA MET B 368 5.75 12.42 -5.24
C MET B 368 6.12 13.87 -5.48
N LYS B 369 6.25 14.67 -4.43
CA LYS B 369 6.46 16.11 -4.57
C LYS B 369 7.91 16.51 -4.85
N SER B 370 8.85 15.57 -5.05
CA SER B 370 10.24 15.95 -4.93
C SER B 370 10.70 16.81 -6.11
N ALA B 371 10.28 16.46 -7.32
CA ALA B 371 10.68 17.26 -8.46
C ALA B 371 10.01 18.63 -8.43
N VAL B 372 8.71 18.68 -8.12
CA VAL B 372 8.00 19.96 -8.03
C VAL B 372 8.65 20.85 -6.97
N GLN B 373 8.85 20.31 -5.77
CA GLN B 373 9.38 21.11 -4.68
C GLN B 373 10.81 21.55 -4.94
N ILE B 374 11.67 20.63 -5.39
CA ILE B 374 13.09 20.97 -5.49
C ILE B 374 13.33 21.95 -6.64
N LYS B 375 12.54 21.89 -7.71
CA LYS B 375 12.67 22.87 -8.79
C LYS B 375 12.29 24.26 -8.31
N ARG B 376 11.19 24.38 -7.57
CA ARG B 376 10.76 25.68 -7.07
C ARG B 376 11.79 26.27 -6.13
N GLU B 377 12.31 25.47 -5.19
CA GLU B 377 13.30 25.96 -4.25
C GLU B 377 14.54 26.45 -4.96
N LEU B 378 15.00 25.71 -5.98
CA LEU B 378 16.22 26.09 -6.68
C LEU B 378 16.01 27.36 -7.50
N ASN B 379 14.83 27.51 -8.11
CA ASN B 379 14.51 28.73 -8.84
C ASN B 379 14.61 29.95 -7.93
N HIS B 380 13.99 29.87 -6.74
CA HIS B 380 14.05 30.99 -5.81
C HIS B 380 15.46 31.24 -5.30
N LEU B 381 16.24 30.18 -5.14
CA LEU B 381 17.60 30.32 -4.63
C LEU B 381 18.50 31.04 -5.62
N LEU B 382 18.45 30.62 -6.89
CA LEU B 382 19.28 31.27 -7.90
C LEU B 382 18.96 32.76 -7.98
N TYR B 383 17.69 33.12 -7.83
CA TYR B 383 17.32 34.53 -7.85
C TYR B 383 17.84 35.26 -6.61
N GLN B 384 17.72 34.64 -5.43
CA GLN B 384 18.17 35.31 -4.21
C GLN B 384 19.67 35.50 -4.20
N ARG B 385 20.41 34.71 -4.96
CA ARG B 385 21.87 34.79 -5.01
C ARG B 385 22.41 35.61 -6.17
N GLY B 386 21.54 36.21 -6.99
CA GLY B 386 22.01 37.12 -8.01
C GLY B 386 22.48 36.49 -9.30
N TYR B 387 22.09 35.25 -9.55
CA TYR B 387 22.49 34.51 -10.74
C TYR B 387 21.57 34.81 -11.91
N TYR B 388 22.15 35.18 -13.05
CA TYR B 388 21.34 35.46 -14.23
C TYR B 388 20.62 34.22 -14.73
N ASN B 389 21.28 33.06 -14.66
CA ASN B 389 20.65 31.78 -14.95
C ASN B 389 21.42 30.68 -14.21
N LEU B 390 20.99 29.44 -14.39
CA LEU B 390 21.61 28.35 -13.64
C LEU B 390 23.03 28.07 -14.13
N LYS B 391 23.29 28.24 -15.43
CA LYS B 391 24.62 27.93 -15.93
C LYS B 391 25.67 28.90 -15.43
N GLU B 392 25.27 30.12 -15.07
CA GLU B 392 26.20 31.06 -14.44
C GLU B 392 26.69 30.54 -13.09
N ALA B 393 25.98 29.59 -12.49
CA ALA B 393 26.32 29.12 -11.15
C ALA B 393 27.28 27.94 -11.15
N ILE B 394 27.42 27.24 -12.28
CA ILE B 394 28.19 26.00 -12.31
C ILE B 394 29.63 26.28 -11.89
N GLY B 395 30.07 25.63 -10.82
CA GLY B 395 31.45 25.76 -10.36
C GLY B 395 31.85 27.11 -9.81
N ARG B 396 30.90 27.88 -9.25
CA ARG B 396 31.21 29.22 -8.76
C ARG B 396 31.69 29.28 -7.32
N LYS B 397 31.63 28.18 -6.56
CA LYS B 397 32.16 28.12 -5.20
C LYS B 397 33.67 27.92 -5.14
N HIS B 398 34.37 28.17 -6.25
CA HIS B 398 35.50 27.36 -6.63
C HIS B 398 36.77 28.13 -6.98
#